data_4Y3U
#
_entry.id   4Y3U
#
_cell.length_a   61.745
_cell.length_b   91.825
_cell.length_c   316.256
_cell.angle_alpha   90.00
_cell.angle_beta   90.00
_cell.angle_gamma   90.00
#
_symmetry.space_group_name_H-M   'P 21 21 21'
#
loop_
_entity.id
_entity.type
_entity.pdbx_description
1 polymer 'Sarcoplasmic/endoplasmic reticulum calcium ATPase 1'
2 polymer 'Cardiac phospholamban'
3 polymer 'Cardiac phospholamban'
4 non-polymer 'POTASSIUM ION'
#
loop_
_entity_poly.entity_id
_entity_poly.type
_entity_poly.pdbx_seq_one_letter_code
_entity_poly.pdbx_strand_id
1 'polypeptide(L)'
;MEAAHSKSTEECLAYFGVSETTGLTPDQVKRHLEKYGHNELPAEEGKSLWELVIEQFEDLLVRILLLAACISFVLAWFEE
GEETITAFVEPFVILLILIANAIVGVWQERNAENAIEALKEYEPEMGKVYRADRKSVQRIKARDIVPGDIVEVAVGDKVP
ADIRILSIKSTTLRVDQSILTGESVSVIKHTEPVPDPRAVNQDKKNMLFSGTNIAAGKALGIVATTGVSTEIGKIRDQMA
ATEQDKTPLQQKLDEFGEQLSKVISLICVAVWLINIGHFNDPVHGGSWIRGAIYYFKIAVALAVAAIPEGLPAVITTCLA
LGTRRMAKKNAIVRSLPSVETLGCTSVICSDKTGTLTTNQMSVCKMFIIDKVDGDFCSLNEFSITGSTYAPEGEVLKNDK
PIRSGQFDGLVELATICALCNDSSLDFNETKGVYEKVGEATETALTTLVEKMNVFNTEVRNLSKVERANACNSVIRQLMK
KEFTLEFSRDRKSMSVYCSPAKSSRAAVGNKMFVKGAPEGVIDRCNYVRVGTTRVPMTGPVKEKILSVIKEWGTGRDTLR
CLALATRDTPPKREEMVLDDSSRFMEYETDLTFVGVVGMLDPPRKEVMGSIQLCRDAGIRVIMITGDNKGTAIAICRRIG
IFGENEEVADRAYTGREFDDLPLAEQREACRRACCFARVEPSHKSKIVEYLQSYDEITAMTGDGVNDAPALKKAEIGIAM
GSGTAVAKTASEMVLADDNFSTIVAAVEEGRAIYNNMKQFIRYLISSNVGEVVCIFLTAALGLPEALIPVQLLWVNLVTD
GLPATALGFNPPDLDIMDRPPRSPKEPLISGWLFFRYMAIGGYVGAATVGAAAWWFMYAEDGPGVTYHQLTHFMQCTEDH
PHFEGLDCEIFEAPEPMTMALSVLVTIEMCNALNSLSENQSLMRMPPWVNIWLLGSICLSMSLHFLILYVDPLPMIFKLK
ALDLTQWLMVLKISLPVIGLDEILKFIARNYLEG
;
A
2 'polypeptide(L)' MDKVQYLTRSAIRRASTIEMPQQARQNLQNLFINFCLILICLLLICIIVM B
3 'polypeptide(L)'
;(UNK)(UNK)(UNK)(UNK)(UNK)(UNK)(UNK)(UNK)(UNK)(UNK)(UNK)(UNK)(UNK)(UNK)(UNK)(UNK)
(UNK)(UNK)(UNK)(UNK)(UNK)(UNK)(UNK)
;
C
#
loop_
_chem_comp.id
_chem_comp.type
_chem_comp.name
_chem_comp.formula
K non-polymer 'POTASSIUM ION' 'K 1'
#
# COMPACT_ATOMS: atom_id res chain seq x y z
N MET A 1 8.86 -36.66 -7.68
CA MET A 1 7.89 -37.82 -7.71
C MET A 1 6.63 -37.45 -8.48
N GLU A 2 6.31 -38.23 -9.50
CA GLU A 2 5.32 -37.83 -10.49
C GLU A 2 3.93 -38.45 -10.33
N ALA A 3 3.87 -39.62 -9.70
CA ALA A 3 2.61 -40.35 -9.60
C ALA A 3 2.14 -40.50 -8.16
N ALA A 4 2.59 -39.59 -7.30
CA ALA A 4 2.43 -39.71 -5.85
C ALA A 4 1.02 -40.08 -5.37
N HIS A 5 0.00 -39.53 -6.01
CA HIS A 5 -1.38 -39.78 -5.62
C HIS A 5 -1.75 -41.27 -5.68
N SER A 6 -1.28 -41.95 -6.72
CA SER A 6 -1.62 -43.34 -6.98
C SER A 6 -0.92 -44.29 -6.04
N LYS A 7 0.18 -43.83 -5.47
CA LYS A 7 1.02 -44.64 -4.59
C LYS A 7 0.74 -44.32 -3.12
N SER A 8 1.12 -45.23 -2.22
CA SER A 8 0.81 -45.11 -0.79
C SER A 8 1.66 -44.05 -0.07
N THR A 9 1.19 -43.59 1.10
CA THR A 9 1.99 -42.68 1.92
C THR A 9 3.35 -43.30 2.18
N GLU A 10 3.35 -44.58 2.53
CA GLU A 10 4.57 -45.34 2.76
C GLU A 10 5.49 -45.36 1.55
N GLU A 11 4.91 -45.51 0.35
CA GLU A 11 5.69 -45.55 -0.89
C GLU A 11 6.36 -44.20 -1.15
N CYS A 12 5.61 -43.12 -0.92
CA CYS A 12 6.10 -41.75 -1.10
C CYS A 12 7.22 -41.42 -0.12
N LEU A 13 6.98 -41.70 1.16
CA LEU A 13 7.99 -41.48 2.20
C LEU A 13 9.27 -42.23 1.83
N ALA A 14 9.12 -43.50 1.47
CA ALA A 14 10.23 -44.36 1.10
C ALA A 14 11.02 -43.84 -0.09
N TYR A 15 10.30 -43.33 -1.08
CA TYR A 15 10.91 -42.80 -2.30
C TYR A 15 11.90 -41.67 -2.01
N PHE A 16 11.54 -40.78 -1.09
CA PHE A 16 12.39 -39.66 -0.74
C PHE A 16 13.30 -39.98 0.44
N GLY A 17 13.13 -41.17 1.01
CA GLY A 17 13.88 -41.59 2.20
C GLY A 17 13.78 -40.57 3.31
N VAL A 18 12.55 -40.16 3.62
CA VAL A 18 12.31 -39.13 4.63
C VAL A 18 11.48 -39.70 5.78
N SER A 19 11.83 -39.30 7.00
CA SER A 19 11.13 -39.76 8.18
C SER A 19 9.96 -38.84 8.43
N GLU A 20 8.76 -39.40 8.49
CA GLU A 20 7.56 -38.57 8.61
C GLU A 20 7.56 -37.77 9.92
N THR A 21 8.14 -38.38 10.94
CA THR A 21 8.17 -37.82 12.28
C THR A 21 9.31 -36.82 12.44
N THR A 22 10.16 -36.72 11.42
CA THR A 22 11.41 -35.97 11.50
C THR A 22 11.56 -34.92 10.41
N GLY A 23 11.30 -35.33 9.17
CA GLY A 23 11.49 -34.47 8.03
C GLY A 23 12.88 -34.66 7.51
N LEU A 24 13.25 -33.86 6.51
CA LEU A 24 14.56 -33.99 5.87
C LEU A 24 15.70 -33.47 6.74
N THR A 25 16.85 -34.11 6.62
CA THR A 25 18.08 -33.66 7.26
C THR A 25 18.60 -32.44 6.49
N PRO A 26 19.30 -31.51 7.18
CA PRO A 26 19.83 -30.31 6.52
C PRO A 26 20.66 -30.67 5.29
N ASP A 27 21.16 -31.90 5.28
CA ASP A 27 21.92 -32.44 4.16
C ASP A 27 21.00 -32.82 3.01
N GLN A 28 19.95 -33.58 3.31
CA GLN A 28 18.96 -33.94 2.32
C GLN A 28 18.40 -32.70 1.66
N VAL A 29 17.94 -31.75 2.47
CA VAL A 29 17.46 -30.45 2.00
C VAL A 29 18.42 -29.86 0.98
N LYS A 30 19.71 -29.85 1.31
CA LYS A 30 20.76 -29.34 0.43
C LYS A 30 20.82 -30.10 -0.89
N ARG A 31 20.94 -31.42 -0.82
CA ARG A 31 21.04 -32.26 -2.02
C ARG A 31 19.77 -32.24 -2.86
N HIS A 32 18.62 -32.23 -2.19
CA HIS A 32 17.32 -32.15 -2.83
C HIS A 32 17.13 -30.81 -3.54
N LEU A 33 17.68 -29.76 -2.94
CA LEU A 33 17.61 -28.41 -3.47
C LEU A 33 18.44 -28.30 -4.73
N GLU A 34 19.62 -28.91 -4.68
CA GLU A 34 20.50 -29.05 -5.83
C GLU A 34 19.76 -29.79 -6.95
N LYS A 35 19.24 -30.96 -6.63
CA LYS A 35 18.57 -31.86 -7.57
C LYS A 35 17.32 -31.27 -8.20
N TYR A 36 16.47 -30.64 -7.40
CA TYR A 36 15.14 -30.24 -7.83
C TYR A 36 14.92 -28.74 -8.00
N GLY A 37 15.87 -27.93 -7.50
CA GLY A 37 15.77 -26.47 -7.60
C GLY A 37 14.81 -25.87 -6.57
N HIS A 38 14.81 -24.53 -6.51
CA HIS A 38 13.90 -23.80 -5.62
C HIS A 38 12.45 -23.97 -6.06
N ASN A 39 11.55 -24.00 -5.09
CA ASN A 39 10.12 -24.10 -5.35
C ASN A 39 9.62 -22.77 -5.88
N GLU A 40 9.75 -22.60 -7.20
CA GLU A 40 9.37 -21.36 -7.89
C GLU A 40 9.45 -21.51 -9.40
N LEU A 41 8.78 -20.61 -10.11
CA LEU A 41 8.97 -20.45 -11.54
C LEU A 41 10.28 -19.67 -11.75
N PRO A 42 11.02 -19.98 -12.84
CA PRO A 42 12.28 -19.26 -13.09
C PRO A 42 12.08 -17.79 -13.43
N ALA A 43 13.04 -16.95 -13.07
CA ALA A 43 13.01 -15.54 -13.41
C ALA A 43 13.54 -15.32 -14.82
N GLU A 44 12.64 -14.90 -15.72
CA GLU A 44 12.98 -14.69 -17.14
C GLU A 44 13.90 -13.48 -17.35
N GLU A 45 15.18 -13.78 -17.57
CA GLU A 45 16.23 -12.76 -17.62
C GLU A 45 16.21 -11.99 -18.93
N SER A 48 16.96 -5.62 -21.89
CA SER A 48 17.28 -4.54 -20.96
C SER A 48 18.65 -3.91 -21.22
N LEU A 49 18.93 -2.82 -20.50
CA LEU A 49 20.17 -2.01 -20.65
C LEU A 49 20.35 -1.43 -22.05
N TRP A 50 21.20 -2.09 -22.85
CA TRP A 50 21.49 -1.70 -24.23
C TRP A 50 20.25 -1.89 -25.12
N GLU A 51 19.53 -2.98 -24.90
CA GLU A 51 18.32 -3.32 -25.65
C GLU A 51 17.21 -2.31 -25.43
N LEU A 52 17.17 -1.74 -24.23
CA LEU A 52 16.14 -0.77 -23.85
C LEU A 52 16.40 0.62 -24.43
N VAL A 53 17.64 0.89 -24.83
CA VAL A 53 18.00 2.17 -25.45
C VAL A 53 17.56 2.22 -26.91
N ILE A 54 17.85 1.15 -27.65
CA ILE A 54 17.44 1.01 -29.05
C ILE A 54 15.91 0.88 -29.17
N GLU A 55 15.25 0.60 -28.05
CA GLU A 55 13.79 0.58 -27.97
C GLU A 55 13.17 1.90 -28.41
N GLN A 56 13.82 3.01 -28.04
CA GLN A 56 13.29 4.35 -28.27
C GLN A 56 13.42 4.80 -29.73
N PHE A 57 14.37 4.22 -30.46
CA PHE A 57 14.58 4.56 -31.86
C PHE A 57 13.68 3.77 -32.81
N GLU A 58 12.87 2.87 -32.25
CA GLU A 58 11.88 2.13 -33.02
C GLU A 58 10.72 3.04 -33.44
N ASP A 59 10.57 4.17 -32.74
CA ASP A 59 9.59 5.19 -33.06
C ASP A 59 9.89 5.79 -34.43
N LEU A 60 8.87 5.88 -35.28
CA LEU A 60 9.04 6.31 -36.66
C LEU A 60 9.34 7.80 -36.81
N LEU A 61 8.82 8.61 -35.89
CA LEU A 61 9.06 10.05 -35.90
C LEU A 61 10.49 10.41 -35.52
N VAL A 62 11.11 9.58 -34.68
CA VAL A 62 12.52 9.74 -34.32
C VAL A 62 13.42 9.29 -35.45
N ARG A 63 12.99 8.26 -36.18
CA ARG A 63 13.73 7.75 -37.33
C ARG A 63 13.59 8.65 -38.57
N ILE A 64 12.43 9.30 -38.72
CA ILE A 64 12.22 10.28 -39.78
C ILE A 64 13.19 11.46 -39.62
N LEU A 65 13.40 11.89 -38.39
CA LEU A 65 14.32 12.99 -38.08
C LEU A 65 15.77 12.65 -38.41
N LEU A 66 16.19 11.42 -38.08
CA LEU A 66 17.55 10.97 -38.32
C LEU A 66 17.90 10.80 -39.81
N LEU A 67 16.91 10.38 -40.60
CA LEU A 67 17.08 10.26 -42.06
C LEU A 67 16.82 11.58 -42.79
N ALA A 68 16.32 12.58 -42.05
CA ALA A 68 16.20 13.95 -42.54
C ALA A 68 17.44 14.75 -42.16
N ALA A 69 18.20 14.24 -41.18
CA ALA A 69 19.48 14.82 -40.78
C ALA A 69 20.64 14.12 -41.49
N CYS A 70 20.32 13.05 -42.23
CA CYS A 70 21.29 12.35 -43.07
C CYS A 70 21.22 12.81 -44.52
N ILE A 71 20.00 12.94 -45.04
CA ILE A 71 19.78 13.51 -46.37
C ILE A 71 20.12 15.01 -46.37
N SER A 72 20.31 15.59 -45.19
CA SER A 72 20.80 16.95 -45.06
C SER A 72 22.33 16.98 -45.04
N PHE A 73 22.94 15.95 -44.45
CA PHE A 73 24.40 15.83 -44.39
C PHE A 73 25.00 15.41 -45.72
N VAL A 74 24.43 14.36 -46.31
CA VAL A 74 24.95 13.79 -47.57
C VAL A 74 24.78 14.76 -48.75
N LEU A 75 23.72 15.55 -48.73
CA LEU A 75 23.55 16.61 -49.74
C LEU A 75 24.59 17.73 -49.56
N ALA A 76 24.96 18.00 -48.30
CA ALA A 76 25.95 19.02 -47.99
C ALA A 76 27.38 18.57 -48.31
N TRP A 77 27.71 17.32 -47.98
CA TRP A 77 29.05 16.78 -48.20
C TRP A 77 29.40 16.65 -49.70
N PHE A 78 28.41 16.26 -50.50
CA PHE A 78 28.54 16.26 -51.95
C PHE A 78 28.02 17.58 -52.53
N THR A 86 28.96 23.27 -38.59
CA THR A 86 27.75 23.13 -37.79
C THR A 86 26.79 22.10 -38.38
N ALA A 87 26.45 22.27 -39.66
CA ALA A 87 25.62 21.31 -40.39
C ALA A 87 26.45 20.10 -40.81
N PHE A 88 27.74 20.15 -40.50
CA PHE A 88 28.68 19.06 -40.75
C PHE A 88 28.45 17.94 -39.75
N VAL A 89 28.27 18.32 -38.48
CA VAL A 89 28.01 17.35 -37.40
C VAL A 89 26.61 17.53 -36.78
N GLU A 90 25.62 17.82 -37.61
CA GLU A 90 24.23 17.92 -37.15
C GLU A 90 23.60 16.55 -36.87
N PRO A 91 23.83 15.55 -37.75
CA PRO A 91 23.37 14.21 -37.41
C PRO A 91 24.17 13.56 -36.28
N PHE A 92 25.39 14.05 -36.04
CA PHE A 92 26.23 13.58 -34.94
C PHE A 92 25.72 14.03 -33.58
N VAL A 93 25.22 15.27 -33.50
CA VAL A 93 24.72 15.80 -32.23
C VAL A 93 23.32 15.25 -31.92
N ILE A 94 22.42 15.30 -32.90
CA ILE A 94 21.06 14.77 -32.75
C ILE A 94 21.07 13.32 -32.23
N LEU A 95 21.89 12.46 -32.85
CA LEU A 95 22.03 11.08 -32.39
C LEU A 95 22.58 10.99 -30.97
N LEU A 96 23.56 11.81 -30.65
CA LEU A 96 24.17 11.82 -29.32
C LEU A 96 23.22 12.32 -28.22
N ILE A 97 22.35 13.27 -28.57
CA ILE A 97 21.35 13.76 -27.63
C ILE A 97 20.26 12.72 -27.41
N LEU A 98 19.80 12.09 -28.48
CA LEU A 98 18.69 11.14 -28.39
C LEU A 98 19.04 9.79 -27.77
N ILE A 99 20.31 9.38 -27.89
CA ILE A 99 20.78 8.20 -27.15
C ILE A 99 20.89 8.52 -25.67
N ALA A 100 21.18 9.78 -25.35
CA ALA A 100 21.21 10.24 -23.97
C ALA A 100 19.79 10.47 -23.46
N ASN A 101 18.92 10.99 -24.33
CA ASN A 101 17.52 11.22 -24.00
C ASN A 101 16.79 9.91 -23.74
N ALA A 102 17.20 8.86 -24.46
CA ALA A 102 16.71 7.51 -24.23
C ALA A 102 17.11 7.01 -22.84
N ILE A 103 18.41 7.02 -22.57
CA ILE A 103 18.94 6.52 -21.30
C ILE A 103 18.36 7.26 -20.08
N VAL A 104 18.17 8.57 -20.21
CA VAL A 104 17.56 9.37 -19.14
C VAL A 104 16.16 8.88 -18.78
N GLY A 105 15.36 8.56 -19.79
CA GLY A 105 13.96 8.14 -19.59
C GLY A 105 13.69 6.65 -19.64
N VAL A 106 14.75 5.86 -19.80
CA VAL A 106 14.65 4.39 -19.80
C VAL A 106 15.18 3.83 -18.48
N TRP A 107 16.31 4.37 -18.03
CA TRP A 107 16.89 4.00 -16.75
C TRP A 107 15.99 4.44 -15.58
N GLN A 108 15.29 5.57 -15.77
CA GLN A 108 14.28 6.03 -14.82
C GLN A 108 13.12 5.05 -14.76
N GLU A 109 12.74 4.52 -15.92
CA GLU A 109 11.66 3.55 -16.01
C GLU A 109 12.03 2.20 -15.38
N ARG A 110 13.21 1.68 -15.70
CA ARG A 110 13.64 0.38 -15.17
C ARG A 110 13.85 0.43 -13.66
N ASN A 111 14.30 1.56 -13.15
CA ASN A 111 14.44 1.76 -11.70
C ASN A 111 13.11 1.76 -10.96
N ALA A 112 12.12 2.46 -11.51
CA ALA A 112 10.78 2.52 -10.95
C ALA A 112 10.15 1.13 -10.90
N GLU A 113 10.27 0.38 -11.99
CA GLU A 113 9.71 -0.96 -12.09
C GLU A 113 10.37 -1.92 -11.11
N ASN A 114 11.68 -1.77 -10.92
CA ASN A 114 12.43 -2.57 -9.96
C ASN A 114 11.96 -2.32 -8.54
N ALA A 115 11.78 -1.04 -8.21
CA ALA A 115 11.33 -0.63 -6.88
C ALA A 115 9.91 -1.11 -6.57
N ILE A 116 9.10 -1.21 -7.62
CA ILE A 116 7.74 -1.73 -7.50
C ILE A 116 7.77 -3.25 -7.38
N GLU A 117 8.64 -3.89 -8.17
CA GLU A 117 8.84 -5.33 -8.09
C GLU A 117 9.34 -5.77 -6.71
N ALA A 118 10.22 -4.96 -6.12
CA ALA A 118 10.83 -5.26 -4.83
C ALA A 118 9.87 -5.13 -3.65
N LEU A 119 8.67 -4.58 -3.89
CA LEU A 119 7.63 -4.52 -2.86
C LEU A 119 7.26 -5.91 -2.41
N LYS A 120 7.42 -6.89 -3.31
CA LYS A 120 7.08 -8.28 -3.04
C LYS A 120 7.87 -8.89 -1.90
N GLU A 121 9.04 -8.33 -1.62
CA GLU A 121 9.89 -8.79 -0.52
C GLU A 121 9.26 -8.57 0.85
N TYR A 122 8.34 -7.61 0.94
CA TYR A 122 7.64 -7.32 2.18
C TYR A 122 6.68 -8.44 2.56
N GLU A 123 6.10 -9.08 1.55
CA GLU A 123 5.15 -10.16 1.76
C GLU A 123 5.59 -11.44 1.04
N PRO A 124 6.69 -12.06 1.51
CA PRO A 124 7.21 -13.24 0.82
C PRO A 124 6.28 -14.44 1.01
N GLU A 125 6.24 -15.31 0.01
CA GLU A 125 5.49 -16.55 0.08
C GLU A 125 6.16 -17.49 1.10
N MET A 126 5.40 -17.91 2.11
CA MET A 126 5.92 -18.74 3.20
C MET A 126 5.42 -20.20 3.17
N GLY A 127 5.96 -21.02 4.07
CA GLY A 127 5.56 -22.41 4.23
C GLY A 127 5.95 -22.95 5.58
N LYS A 128 5.36 -24.08 5.98
CA LYS A 128 5.66 -24.67 7.29
C LYS A 128 6.17 -26.11 7.19
N VAL A 129 7.47 -26.29 7.39
CA VAL A 129 8.07 -27.62 7.27
C VAL A 129 8.52 -28.16 8.61
N TYR A 130 8.49 -29.49 8.76
CA TYR A 130 9.20 -30.17 9.83
C TYR A 130 10.50 -30.70 9.28
N ARG A 131 11.61 -30.31 9.90
CA ARG A 131 12.94 -30.76 9.46
C ARG A 131 13.78 -31.40 10.57
N ALA A 132 14.76 -32.22 10.17
CA ALA A 132 15.55 -33.01 11.13
C ALA A 132 16.27 -32.18 12.18
N ASP A 133 16.60 -30.94 11.83
CA ASP A 133 17.41 -30.09 12.68
C ASP A 133 16.66 -29.43 13.85
N ARG A 134 15.33 -29.41 13.77
CA ARG A 134 14.52 -28.81 14.84
C ARG A 134 13.28 -29.64 15.15
N LYS A 135 12.92 -29.73 16.42
CA LYS A 135 11.76 -30.51 16.82
C LYS A 135 10.46 -29.80 16.43
N SER A 136 10.46 -28.48 16.58
CA SER A 136 9.30 -27.64 16.31
C SER A 136 9.09 -27.44 14.81
N VAL A 137 7.90 -26.96 14.46
CA VAL A 137 7.60 -26.62 13.06
C VAL A 137 8.40 -25.39 12.68
N GLN A 138 8.91 -25.38 11.45
CA GLN A 138 9.70 -24.29 10.90
C GLN A 138 8.94 -23.57 9.82
N ARG A 139 8.90 -22.25 9.94
CA ARG A 139 8.22 -21.42 8.96
C ARG A 139 9.23 -20.74 8.02
N ILE A 140 9.57 -21.44 6.95
CA ILE A 140 10.50 -20.94 5.93
C ILE A 140 9.77 -20.41 4.69
N LYS A 141 10.50 -19.70 3.82
CA LYS A 141 9.92 -19.19 2.58
C LYS A 141 9.63 -20.34 1.63
N ALA A 142 8.42 -20.37 1.07
CA ALA A 142 7.99 -21.44 0.16
C ALA A 142 9.04 -21.67 -0.93
N ARG A 143 9.67 -20.58 -1.32
CA ARG A 143 10.79 -20.54 -2.25
C ARG A 143 11.83 -21.64 -2.00
N ASP A 144 12.03 -21.99 -0.73
CA ASP A 144 13.08 -22.92 -0.32
C ASP A 144 12.57 -24.32 -0.02
N ILE A 145 11.27 -24.54 -0.22
CA ILE A 145 10.66 -25.84 0.02
C ILE A 145 11.06 -26.84 -1.07
N VAL A 146 11.34 -28.06 -0.64
CA VAL A 146 11.94 -29.08 -1.49
C VAL A 146 11.02 -30.29 -1.64
N PRO A 147 11.06 -30.98 -2.80
CA PRO A 147 10.32 -32.23 -2.90
C PRO A 147 10.88 -33.27 -1.93
N GLY A 148 10.05 -33.67 -0.96
CA GLY A 148 10.49 -34.64 0.02
C GLY A 148 10.17 -34.27 1.44
N ASP A 149 10.16 -32.98 1.77
CA ASP A 149 9.96 -32.60 3.17
C ASP A 149 8.51 -32.47 3.60
N ILE A 150 8.31 -32.72 4.89
CA ILE A 150 7.02 -32.73 5.55
C ILE A 150 6.49 -31.30 5.74
N VAL A 151 5.27 -31.05 5.27
CA VAL A 151 4.66 -29.73 5.41
C VAL A 151 3.44 -29.81 6.33
N GLU A 152 3.14 -28.67 6.97
CA GLU A 152 1.96 -28.49 7.80
C GLU A 152 1.09 -27.38 7.20
N VAL A 153 -0.20 -27.69 7.03
CA VAL A 153 -1.17 -26.71 6.56
C VAL A 153 -2.39 -26.70 7.47
N ALA A 154 -2.90 -25.50 7.77
CA ALA A 154 -4.08 -25.37 8.62
C ALA A 154 -5.00 -24.26 8.15
N VAL A 155 -6.17 -24.16 8.77
CA VAL A 155 -7.21 -23.20 8.40
C VAL A 155 -6.64 -21.80 8.12
N GLY A 156 -6.84 -21.34 6.88
CA GLY A 156 -6.31 -20.06 6.42
C GLY A 156 -5.00 -20.14 5.65
N ASP A 157 -4.46 -21.34 5.48
CA ASP A 157 -3.17 -21.53 4.80
C ASP A 157 -3.29 -21.58 3.29
N LYS A 158 -2.27 -21.11 2.61
CA LYS A 158 -2.15 -21.31 1.16
C LYS A 158 -1.10 -22.40 0.93
N VAL A 159 -1.56 -23.56 0.47
CA VAL A 159 -0.72 -24.72 0.17
C VAL A 159 0.52 -24.34 -0.65
N PRO A 160 1.72 -24.52 -0.06
CA PRO A 160 2.96 -23.95 -0.62
C PRO A 160 3.55 -24.71 -1.81
N ALA A 161 3.20 -25.98 -1.98
CA ALA A 161 3.70 -26.81 -3.08
C ALA A 161 2.75 -27.96 -3.34
N ASP A 162 3.10 -28.86 -4.26
CA ASP A 162 2.31 -30.07 -4.50
C ASP A 162 2.57 -31.14 -3.44
N ILE A 163 1.54 -31.41 -2.64
CA ILE A 163 1.69 -32.19 -1.42
C ILE A 163 0.80 -33.42 -1.41
N ARG A 164 1.39 -34.56 -1.09
CA ARG A 164 0.64 -35.78 -0.80
C ARG A 164 0.30 -35.75 0.68
N ILE A 165 -1.00 -35.82 0.99
CA ILE A 165 -1.44 -35.81 2.38
C ILE A 165 -1.04 -37.09 3.10
N LEU A 166 -0.34 -36.94 4.22
CA LEU A 166 0.09 -38.07 5.02
C LEU A 166 -0.89 -38.36 6.14
N SER A 167 -1.33 -37.30 6.83
CA SER A 167 -2.37 -37.43 7.85
C SER A 167 -3.12 -36.11 8.03
N ILE A 168 -4.42 -36.25 8.23
CA ILE A 168 -5.29 -35.13 8.56
C ILE A 168 -5.43 -35.11 10.08
N LYS A 169 -4.88 -34.07 10.70
CA LYS A 169 -4.88 -33.93 12.16
C LYS A 169 -6.23 -33.43 12.66
N SER A 170 -7.02 -32.90 11.73
CA SER A 170 -8.35 -32.39 12.02
C SER A 170 -9.39 -33.51 11.92
N THR A 171 -10.65 -33.19 12.26
CA THR A 171 -11.78 -34.11 12.06
C THR A 171 -12.20 -34.08 10.59
N THR A 172 -11.99 -32.94 9.95
CA THR A 172 -12.24 -32.79 8.52
C THR A 172 -11.25 -31.80 7.92
N LEU A 173 -10.85 -32.04 6.67
CA LEU A 173 -10.00 -31.09 5.96
C LEU A 173 -10.73 -30.58 4.71
N ARG A 174 -11.06 -29.30 4.72
CA ARG A 174 -11.75 -28.68 3.59
C ARG A 174 -10.81 -27.77 2.80
N VAL A 175 -10.67 -28.05 1.51
CA VAL A 175 -9.71 -27.34 0.66
C VAL A 175 -10.44 -26.56 -0.41
N ASP A 176 -10.03 -25.30 -0.60
CA ASP A 176 -10.59 -24.43 -1.64
C ASP A 176 -9.74 -24.51 -2.92
N GLN A 177 -10.10 -25.46 -3.80
CA GLN A 177 -9.31 -25.76 -5.00
C GLN A 177 -9.61 -24.84 -6.17
N SER A 178 -10.68 -24.05 -6.02
CA SER A 178 -11.18 -23.12 -7.04
C SER A 178 -10.13 -22.56 -8.00
N ILE A 179 -9.01 -22.10 -7.47
CA ILE A 179 -7.95 -21.47 -8.28
C ILE A 179 -7.38 -22.39 -9.38
N LEU A 180 -7.57 -23.70 -9.20
CA LEU A 180 -6.96 -24.70 -10.08
C LEU A 180 -7.97 -25.53 -10.85
N THR A 181 -9.09 -25.88 -10.22
CA THR A 181 -10.07 -26.76 -10.85
C THR A 181 -11.35 -26.07 -11.30
N GLY A 182 -11.76 -25.06 -10.54
CA GLY A 182 -13.01 -24.36 -10.80
C GLY A 182 -14.05 -24.67 -9.75
N GLU A 183 -13.95 -25.86 -9.14
CA GLU A 183 -14.88 -26.29 -8.10
C GLU A 183 -14.85 -25.30 -6.93
N SER A 184 -15.88 -24.45 -6.88
CA SER A 184 -15.91 -23.33 -5.96
C SER A 184 -16.39 -23.73 -4.56
N VAL A 185 -17.00 -24.91 -4.46
CA VAL A 185 -17.26 -25.53 -3.16
C VAL A 185 -16.00 -26.28 -2.70
N SER A 186 -15.68 -26.16 -1.41
CA SER A 186 -14.49 -26.79 -0.86
C SER A 186 -14.59 -28.30 -0.85
N VAL A 187 -13.52 -28.95 -1.29
CA VAL A 187 -13.44 -30.41 -1.39
C VAL A 187 -13.05 -31.02 -0.05
N ILE A 188 -13.60 -32.19 0.26
CA ILE A 188 -13.15 -33.00 1.41
C ILE A 188 -11.90 -33.79 0.97
N LYS A 189 -11.06 -34.17 1.93
CA LYS A 189 -9.80 -34.85 1.58
C LYS A 189 -9.53 -36.13 2.39
N HIS A 190 -8.65 -36.98 1.89
CA HIS A 190 -8.26 -38.22 2.59
C HIS A 190 -6.82 -38.67 2.34
N THR A 191 -6.40 -39.74 3.03
CA THR A 191 -5.02 -40.25 3.02
C THR A 191 -4.78 -41.43 2.06
N GLU A 192 -5.84 -42.20 1.79
CA GLU A 192 -5.77 -43.39 0.93
C GLU A 192 -5.26 -43.11 -0.49
N PRO A 193 -4.53 -44.07 -1.09
CA PRO A 193 -4.03 -43.87 -2.46
C PRO A 193 -5.13 -43.88 -3.51
N VAL A 194 -5.02 -42.98 -4.49
CA VAL A 194 -5.96 -42.89 -5.61
C VAL A 194 -5.39 -43.67 -6.79
N PRO A 195 -5.72 -44.98 -6.89
CA PRO A 195 -4.98 -45.97 -7.67
C PRO A 195 -4.81 -45.66 -9.16
N ASP A 196 -5.76 -44.95 -9.76
CA ASP A 196 -5.67 -44.58 -11.17
C ASP A 196 -4.54 -43.57 -11.42
N PRO A 197 -3.53 -43.95 -12.25
CA PRO A 197 -2.45 -43.03 -12.58
C PRO A 197 -2.89 -41.88 -13.48
N ARG A 198 -4.01 -42.08 -14.19
CA ARG A 198 -4.56 -41.07 -15.12
C ARG A 198 -5.42 -40.01 -14.44
N ALA A 199 -6.15 -40.43 -13.39
CA ALA A 199 -7.19 -39.63 -12.73
C ALA A 199 -6.88 -38.14 -12.63
N VAL A 200 -7.84 -37.32 -13.05
CA VAL A 200 -7.71 -35.85 -13.05
C VAL A 200 -7.70 -35.27 -11.64
N ASN A 201 -7.23 -34.03 -11.52
CA ASN A 201 -7.03 -33.38 -10.23
C ASN A 201 -8.17 -33.48 -9.21
N GLN A 202 -9.40 -33.38 -9.69
CA GLN A 202 -10.60 -33.43 -8.83
C GLN A 202 -10.72 -34.80 -8.16
N ASP A 203 -10.33 -35.84 -8.89
CA ASP A 203 -10.35 -37.21 -8.38
C ASP A 203 -9.20 -37.48 -7.41
N LYS A 204 -8.15 -36.66 -7.50
CA LYS A 204 -6.98 -36.76 -6.62
C LYS A 204 -7.30 -36.24 -5.21
N LYS A 205 -8.10 -37.02 -4.48
CA LYS A 205 -8.65 -36.57 -3.20
C LYS A 205 -7.69 -36.77 -2.02
N ASN A 206 -6.45 -37.15 -2.33
CA ASN A 206 -5.41 -37.31 -1.32
C ASN A 206 -4.29 -36.32 -1.53
N MET A 207 -4.54 -35.34 -2.40
CA MET A 207 -3.52 -34.41 -2.85
C MET A 207 -3.83 -32.96 -2.46
N LEU A 208 -2.79 -32.20 -2.15
CA LEU A 208 -2.91 -30.76 -1.92
C LEU A 208 -2.14 -30.03 -3.00
N PHE A 209 -2.81 -29.10 -3.68
CA PHE A 209 -2.24 -28.45 -4.86
C PHE A 209 -1.66 -27.08 -4.57
N SER A 210 -0.45 -26.86 -5.10
CA SER A 210 0.27 -25.61 -4.89
C SER A 210 -0.55 -24.45 -5.43
N GLY A 211 -0.72 -23.43 -4.60
CA GLY A 211 -1.56 -22.29 -4.92
C GLY A 211 -2.97 -22.32 -4.35
N THR A 212 -3.39 -23.46 -3.79
CA THR A 212 -4.75 -23.58 -3.24
C THR A 212 -4.82 -23.26 -1.72
N ASN A 213 -6.04 -23.07 -1.20
CA ASN A 213 -6.25 -22.68 0.21
C ASN A 213 -6.79 -23.79 1.09
N ILE A 214 -6.59 -23.65 2.38
CA ILE A 214 -7.18 -24.55 3.36
C ILE A 214 -8.36 -23.83 3.99
N ALA A 215 -9.58 -24.22 3.60
CA ALA A 215 -10.80 -23.59 4.07
C ALA A 215 -11.16 -23.94 5.53
N ALA A 216 -10.76 -25.13 5.98
CA ALA A 216 -10.85 -25.50 7.40
C ALA A 216 -10.09 -26.80 7.68
N GLY A 217 -9.63 -26.96 8.92
CA GLY A 217 -8.90 -28.16 9.35
C GLY A 217 -7.37 -28.04 9.33
N LYS A 218 -6.69 -29.17 9.48
CA LYS A 218 -5.22 -29.20 9.54
C LYS A 218 -4.66 -30.54 9.03
N ALA A 219 -3.71 -30.48 8.09
CA ALA A 219 -3.12 -31.67 7.53
C ALA A 219 -1.60 -31.68 7.58
N LEU A 220 -1.04 -32.88 7.66
CA LEU A 220 0.39 -33.06 7.53
C LEU A 220 0.67 -33.92 6.29
N GLY A 221 1.65 -33.51 5.48
CA GLY A 221 1.92 -34.22 4.23
C GLY A 221 3.34 -34.12 3.74
N ILE A 222 3.63 -34.84 2.67
CA ILE A 222 4.95 -34.83 2.02
C ILE A 222 4.89 -34.15 0.64
N VAL A 223 5.85 -33.25 0.36
CA VAL A 223 5.89 -32.55 -0.93
C VAL A 223 6.31 -33.49 -2.04
N ALA A 224 5.45 -33.58 -3.05
CA ALA A 224 5.66 -34.46 -4.20
C ALA A 224 6.36 -33.75 -5.37
N THR A 225 5.91 -32.55 -5.70
CA THR A 225 6.51 -31.78 -6.79
C THR A 225 6.55 -30.29 -6.49
N THR A 226 7.68 -29.65 -6.78
CA THR A 226 7.81 -28.19 -6.64
C THR A 226 8.17 -27.53 -7.97
N GLY A 227 8.08 -26.21 -8.01
CA GLY A 227 8.51 -25.43 -9.17
C GLY A 227 7.54 -25.48 -10.34
N VAL A 228 8.05 -25.83 -11.51
CA VAL A 228 7.22 -25.86 -12.71
C VAL A 228 6.56 -27.24 -12.85
N SER A 229 6.94 -28.16 -11.96
CA SER A 229 6.43 -29.52 -11.98
C SER A 229 5.06 -29.63 -11.29
N THR A 230 4.72 -28.61 -10.51
CA THR A 230 3.42 -28.55 -9.83
C THR A 230 2.30 -28.26 -10.82
N GLU A 231 1.07 -28.62 -10.44
CA GLU A 231 -0.11 -28.43 -11.28
C GLU A 231 -0.36 -26.98 -11.75
N ILE A 232 -0.27 -26.04 -10.82
CA ILE A 232 -0.43 -24.63 -11.17
C ILE A 232 0.84 -24.08 -11.84
N GLY A 233 1.96 -24.77 -11.68
CA GLY A 233 3.20 -24.39 -12.35
C GLY A 233 3.17 -24.74 -13.82
N LYS A 234 2.44 -25.81 -14.14
CA LYS A 234 2.21 -26.23 -15.52
C LYS A 234 1.28 -25.24 -16.23
N ILE A 235 0.23 -24.83 -15.53
CA ILE A 235 -0.69 -23.81 -16.02
C ILE A 235 0.04 -22.51 -16.34
N ARG A 236 0.90 -22.07 -15.42
CA ARG A 236 1.55 -20.77 -15.55
C ARG A 236 2.66 -20.72 -16.61
N ASP A 237 2.84 -21.81 -17.34
CA ASP A 237 3.71 -21.82 -18.52
C ASP A 237 2.89 -21.66 -19.81
N GLN A 238 1.69 -22.25 -19.81
CA GLN A 238 0.74 -22.13 -20.92
C GLN A 238 -0.03 -20.80 -20.83
N MET A 239 -0.02 -20.19 -19.64
CA MET A 239 -0.64 -18.89 -19.41
C MET A 239 0.14 -17.80 -20.13
N ALA A 240 -0.59 -16.99 -20.92
CA ALA A 240 -0.01 -15.87 -21.65
C ALA A 240 -0.47 -14.53 -21.08
N GLN A 244 -4.37 -8.05 -17.74
CA GLN A 244 -4.97 -7.34 -18.87
C GLN A 244 -6.18 -6.51 -18.42
N ASP A 245 -5.90 -5.25 -18.06
CA ASP A 245 -6.95 -4.27 -17.72
C ASP A 245 -6.34 -2.92 -17.32
N LYS A 246 -6.89 -1.85 -17.88
CA LYS A 246 -6.41 -0.48 -17.64
C LYS A 246 -7.22 0.23 -16.57
N THR A 247 -6.54 0.68 -15.52
CA THR A 247 -7.14 1.45 -14.43
C THR A 247 -7.73 2.77 -14.97
N PRO A 248 -8.93 3.16 -14.47
CA PRO A 248 -9.68 4.33 -14.90
C PRO A 248 -8.81 5.54 -15.25
N LEU A 249 -7.77 5.78 -14.46
CA LEU A 249 -6.88 6.92 -14.65
C LEU A 249 -5.99 6.76 -15.87
N GLN A 250 -5.53 5.52 -16.12
CA GLN A 250 -4.74 5.21 -17.31
C GLN A 250 -5.53 5.46 -18.58
N GLN A 251 -6.80 5.05 -18.58
CA GLN A 251 -7.69 5.26 -19.71
C GLN A 251 -7.93 6.75 -19.99
N LYS A 252 -7.94 7.55 -18.93
CA LYS A 252 -8.15 8.99 -19.05
C LYS A 252 -6.86 9.74 -19.40
N LEU A 253 -5.72 9.07 -19.19
CA LEU A 253 -4.41 9.62 -19.58
C LEU A 253 -4.07 9.24 -21.02
N ASP A 254 -4.31 7.98 -21.39
CA ASP A 254 -4.09 7.52 -22.76
C ASP A 254 -5.01 8.22 -23.75
N GLU A 255 -6.25 8.46 -23.31
CA GLU A 255 -7.23 9.20 -24.09
C GLU A 255 -6.74 10.62 -24.33
N PHE A 256 -6.28 11.28 -23.26
CA PHE A 256 -5.65 12.60 -23.34
C PHE A 256 -4.32 12.50 -24.08
N GLY A 257 -3.69 11.32 -24.04
CA GLY A 257 -2.45 11.04 -24.75
C GLY A 257 -2.60 11.24 -26.24
N GLU A 258 -3.68 10.71 -26.81
CA GLU A 258 -4.01 10.93 -28.22
C GLU A 258 -4.44 12.37 -28.45
N GLN A 259 -5.40 12.84 -27.64
CA GLN A 259 -5.90 14.22 -27.67
C GLN A 259 -4.78 15.24 -27.87
N LEU A 260 -3.74 15.13 -27.04
CA LEU A 260 -2.58 16.03 -27.09
C LEU A 260 -1.69 15.72 -28.29
N SER A 261 -1.49 14.43 -28.55
CA SER A 261 -0.61 13.96 -29.62
C SER A 261 -1.12 14.35 -31.01
N LYS A 262 -2.44 14.33 -31.19
CA LYS A 262 -3.04 14.58 -32.49
C LYS A 262 -3.27 16.06 -32.78
N VAL A 263 -3.28 16.87 -31.71
CA VAL A 263 -3.30 18.32 -31.88
C VAL A 263 -1.91 18.79 -32.31
N ILE A 264 -0.87 18.33 -31.62
CA ILE A 264 0.51 18.73 -31.94
C ILE A 264 0.96 18.25 -33.32
N SER A 265 0.52 17.06 -33.72
CA SER A 265 0.83 16.53 -35.05
C SER A 265 0.18 17.34 -36.19
N LEU A 266 -0.99 17.94 -35.93
CA LEU A 266 -1.64 18.84 -36.89
C LEU A 266 -0.90 20.16 -37.04
N ILE A 267 -0.50 20.74 -35.90
CA ILE A 267 0.27 21.98 -35.89
C ILE A 267 1.68 21.78 -36.48
N CYS A 268 2.23 20.58 -36.32
CA CYS A 268 3.54 20.23 -36.90
C CYS A 268 3.57 20.27 -38.42
N VAL A 269 2.51 19.76 -39.06
CA VAL A 269 2.38 19.79 -40.51
C VAL A 269 1.94 21.18 -40.99
N ALA A 270 1.19 21.89 -40.15
CA ALA A 270 0.78 23.27 -40.43
C ALA A 270 1.95 24.25 -40.45
N VAL A 271 3.03 23.90 -39.73
CA VAL A 271 4.27 24.68 -39.73
C VAL A 271 5.01 24.50 -41.07
N TRP A 272 4.91 23.30 -41.63
CA TRP A 272 5.53 22.97 -42.92
C TRP A 272 4.82 23.64 -44.10
N LEU A 273 3.50 23.83 -43.98
CA LEU A 273 2.68 24.41 -45.04
C LEU A 273 2.58 25.94 -45.00
N ILE A 274 2.70 26.51 -43.80
CA ILE A 274 2.77 27.97 -43.63
C ILE A 274 4.00 28.52 -44.35
N ASN A 275 5.11 27.78 -44.28
CA ASN A 275 6.30 28.07 -45.09
C ASN A 275 6.09 27.58 -46.53
N ILE A 276 5.32 28.36 -47.29
CA ILE A 276 4.92 28.01 -48.66
C ILE A 276 6.09 28.01 -49.66
N GLY A 277 6.42 29.19 -50.19
CA GLY A 277 7.47 29.35 -51.19
C GLY A 277 8.81 29.76 -50.59
N HIS A 278 8.96 29.57 -49.28
CA HIS A 278 10.22 29.84 -48.60
C HIS A 278 11.23 28.72 -48.83
N PHE A 279 10.84 27.72 -49.61
CA PHE A 279 11.70 26.59 -49.96
C PHE A 279 12.79 26.97 -50.96
N ASN A 280 12.80 28.24 -51.38
CA ASN A 280 13.68 28.70 -52.45
C ASN A 280 14.93 29.46 -52.00
N ASP A 281 14.79 30.29 -50.97
CA ASP A 281 15.87 31.23 -50.54
C ASP A 281 17.32 30.80 -50.80
N PRO A 282 17.80 29.71 -50.15
CA PRO A 282 19.19 29.34 -50.35
C PRO A 282 19.38 28.25 -51.41
N ARG A 290 13.17 20.16 -52.38
CA ARG A 290 14.63 20.31 -52.34
C ARG A 290 15.07 21.17 -51.16
N GLY A 291 14.48 22.36 -51.06
CA GLY A 291 14.77 23.27 -49.96
C GLY A 291 13.76 23.15 -48.83
N ALA A 292 12.77 22.27 -49.04
CA ALA A 292 11.74 22.00 -48.04
C ALA A 292 12.25 21.16 -46.87
N ILE A 293 13.35 20.44 -47.10
CA ILE A 293 13.92 19.52 -46.11
C ILE A 293 14.35 20.21 -44.80
N TYR A 294 14.65 21.50 -44.88
CA TYR A 294 14.95 22.29 -43.68
C TYR A 294 13.69 22.52 -42.83
N TYR A 295 12.62 22.99 -43.48
CA TYR A 295 11.35 23.28 -42.80
C TYR A 295 10.59 22.02 -42.39
N PHE A 296 11.14 20.86 -42.75
CA PHE A 296 10.61 19.57 -42.39
C PHE A 296 11.28 19.04 -41.13
N LYS A 297 12.62 19.04 -41.12
CA LYS A 297 13.39 18.60 -39.96
C LYS A 297 13.27 19.55 -38.76
N ILE A 298 12.80 20.78 -39.02
CA ILE A 298 12.54 21.74 -37.95
C ILE A 298 11.09 21.62 -37.47
N ALA A 299 10.30 20.84 -38.21
CA ALA A 299 8.91 20.58 -37.86
C ALA A 299 8.73 19.17 -37.30
N VAL A 300 9.72 18.32 -37.55
CA VAL A 300 9.75 16.95 -37.01
C VAL A 300 10.49 16.92 -35.67
N ALA A 301 11.42 17.86 -35.48
CA ALA A 301 12.11 18.02 -34.20
C ALA A 301 11.16 18.51 -33.11
N LEU A 302 10.11 19.23 -33.53
CA LEU A 302 9.03 19.63 -32.63
C LEU A 302 8.16 18.42 -32.29
N ALA A 303 7.95 17.54 -33.28
CA ALA A 303 7.18 16.32 -33.09
C ALA A 303 7.89 15.34 -32.14
N VAL A 304 9.20 15.52 -31.96
CA VAL A 304 9.97 14.70 -31.03
C VAL A 304 10.03 15.36 -29.66
N ALA A 305 10.04 16.69 -29.65
CA ALA A 305 10.21 17.45 -28.41
C ALA A 305 8.91 17.71 -27.64
N ALA A 306 7.79 17.81 -28.36
CA ALA A 306 6.51 18.20 -27.76
C ALA A 306 5.54 17.03 -27.57
N ILE A 307 5.78 15.92 -28.26
CA ILE A 307 4.92 14.75 -28.16
C ILE A 307 5.58 13.67 -27.32
N PRO A 308 4.90 13.23 -26.24
CA PRO A 308 5.40 12.17 -25.38
C PRO A 308 4.90 10.80 -25.83
N GLU A 309 5.80 10.00 -26.41
CA GLU A 309 5.48 8.63 -26.82
C GLU A 309 5.90 7.65 -25.74
N GLY A 310 4.92 6.88 -25.24
CA GLY A 310 5.13 6.03 -24.08
C GLY A 310 4.97 6.83 -22.80
N LEU A 311 4.41 6.20 -21.76
CA LEU A 311 4.18 6.85 -20.47
C LEU A 311 5.43 7.52 -19.92
N PRO A 312 5.34 8.83 -19.59
CA PRO A 312 6.45 9.57 -19.00
C PRO A 312 7.08 8.83 -17.81
N ALA A 313 8.41 8.84 -17.76
CA ALA A 313 9.16 8.05 -16.78
C ALA A 313 8.98 8.52 -15.34
N VAL A 314 8.74 9.81 -15.15
CA VAL A 314 8.58 10.40 -13.82
C VAL A 314 7.24 10.01 -13.17
N ILE A 315 6.25 9.66 -14.00
CA ILE A 315 4.97 9.14 -13.50
C ILE A 315 5.18 7.86 -12.69
N THR A 316 5.83 6.87 -13.29
CA THR A 316 6.11 5.61 -12.59
C THR A 316 7.16 5.78 -11.48
N THR A 317 8.00 6.79 -11.61
CA THR A 317 9.00 7.08 -10.57
C THR A 317 8.35 7.56 -9.28
N CYS A 318 7.31 8.40 -9.39
CA CYS A 318 6.63 8.90 -8.19
C CYS A 318 5.58 7.94 -7.60
N LEU A 319 5.13 6.97 -8.41
CA LEU A 319 4.29 5.86 -7.92
C LEU A 319 5.13 4.84 -7.14
N ALA A 320 6.26 4.45 -7.72
CA ALA A 320 7.20 3.55 -7.06
C ALA A 320 7.64 4.13 -5.72
N LEU A 321 7.95 5.43 -5.71
CA LEU A 321 8.37 6.12 -4.49
C LEU A 321 7.25 6.23 -3.47
N GLY A 322 6.02 6.40 -3.96
CA GLY A 322 4.85 6.45 -3.09
C GLY A 322 4.58 5.16 -2.36
N THR A 323 4.52 4.06 -3.11
CA THR A 323 4.26 2.73 -2.55
C THR A 323 5.39 2.28 -1.63
N ARG A 324 6.62 2.68 -1.96
CA ARG A 324 7.79 2.41 -1.11
C ARG A 324 7.64 3.09 0.26
N ARG A 325 7.21 4.36 0.26
CA ARG A 325 6.90 5.07 1.49
C ARG A 325 5.80 4.38 2.29
N MET A 326 4.79 3.88 1.58
CA MET A 326 3.65 3.19 2.19
C MET A 326 4.10 1.93 2.93
N ALA A 327 4.93 1.13 2.27
CA ALA A 327 5.45 -0.08 2.88
C ALA A 327 6.28 0.27 4.12
N LYS A 328 7.07 1.34 4.03
CA LYS A 328 7.86 1.82 5.17
C LYS A 328 6.98 2.53 6.20
N LYS A 329 5.68 2.53 5.95
CA LYS A 329 4.71 3.00 6.94
C LYS A 329 3.84 1.83 7.39
N ASN A 330 4.12 0.66 6.84
CA ASN A 330 3.40 -0.60 7.16
C ASN A 330 2.17 -0.88 6.30
N ALA A 331 2.06 -0.20 5.17
CA ALA A 331 0.96 -0.43 4.26
C ALA A 331 1.50 -1.09 3.01
N ILE A 332 1.52 -2.42 3.02
CA ILE A 332 2.02 -3.20 1.89
C ILE A 332 0.99 -3.27 0.77
N VAL A 333 1.25 -2.57 -0.33
CA VAL A 333 0.34 -2.55 -1.46
C VAL A 333 0.48 -3.86 -2.24
N ARG A 334 -0.59 -4.66 -2.28
CA ARG A 334 -0.57 -5.91 -3.05
C ARG A 334 -0.99 -5.66 -4.49
N SER A 335 -2.14 -5.02 -4.66
CA SER A 335 -2.65 -4.64 -5.98
C SER A 335 -2.29 -3.19 -6.24
N LEU A 336 -1.57 -2.94 -7.33
CA LEU A 336 -1.15 -1.58 -7.65
C LEU A 336 -2.31 -0.61 -7.89
N PRO A 337 -3.30 -0.99 -8.74
CA PRO A 337 -4.34 -0.02 -9.07
C PRO A 337 -5.08 0.49 -7.84
N SER A 338 -5.00 -0.26 -6.74
CA SER A 338 -5.58 0.14 -5.47
C SER A 338 -4.98 1.43 -4.93
N VAL A 339 -3.90 1.91 -5.54
CA VAL A 339 -3.32 3.19 -5.19
C VAL A 339 -4.17 4.32 -5.79
N GLU A 340 -4.77 4.04 -6.95
CA GLU A 340 -5.70 4.98 -7.57
C GLU A 340 -7.05 4.95 -6.86
N THR A 341 -7.47 3.75 -6.45
CA THR A 341 -8.72 3.55 -5.70
C THR A 341 -8.60 4.24 -4.34
N LEU A 342 -7.38 4.26 -3.81
CA LEU A 342 -7.11 4.76 -2.48
C LEU A 342 -7.39 6.26 -2.34
N GLY A 343 -7.13 7.02 -3.39
CA GLY A 343 -7.48 8.44 -3.40
C GLY A 343 -8.97 8.62 -3.19
N CYS A 344 -9.75 7.81 -3.89
CA CYS A 344 -11.20 7.98 -3.96
C CYS A 344 -12.01 7.37 -2.82
N THR A 345 -11.35 6.73 -1.85
CA THR A 345 -12.09 6.04 -0.80
C THR A 345 -12.90 7.02 0.04
N SER A 346 -14.14 6.64 0.34
CA SER A 346 -15.08 7.48 1.05
C SER A 346 -15.52 6.86 2.37
N VAL A 347 -15.32 5.54 2.51
CA VAL A 347 -15.72 4.78 3.71
C VAL A 347 -14.62 3.82 4.14
N ILE A 348 -14.43 3.69 5.46
CA ILE A 348 -13.51 2.69 6.02
C ILE A 348 -14.24 1.84 7.06
N CYS A 349 -14.36 0.54 6.77
CA CYS A 349 -14.90 -0.43 7.72
C CYS A 349 -13.79 -1.13 8.48
N SER A 350 -13.47 -0.62 9.67
CA SER A 350 -12.43 -1.19 10.50
C SER A 350 -13.01 -2.08 11.59
N ASP A 351 -12.34 -3.21 11.82
CA ASP A 351 -12.64 -4.06 12.96
C ASP A 351 -12.03 -3.42 14.21
N LYS A 352 -12.62 -3.70 15.37
CA LYS A 352 -12.16 -3.08 16.61
C LYS A 352 -10.95 -3.75 17.25
N THR A 353 -11.11 -5.00 17.72
CA THR A 353 -10.20 -5.57 18.73
C THR A 353 -8.71 -5.62 18.32
N GLY A 354 -8.42 -5.93 17.07
CA GLY A 354 -7.03 -5.95 16.66
C GLY A 354 -6.51 -4.59 16.22
N THR A 355 -7.40 -3.81 15.63
CA THR A 355 -7.02 -2.75 14.70
C THR A 355 -7.23 -1.32 15.23
N LEU A 356 -8.36 -1.08 15.89
CA LEU A 356 -8.59 0.19 16.59
C LEU A 356 -7.99 0.13 17.99
N THR A 357 -8.02 -1.05 18.60
CA THR A 357 -7.49 -1.24 19.95
C THR A 357 -6.29 -2.17 19.91
N THR A 358 -5.36 -1.94 20.84
CA THR A 358 -4.06 -2.62 20.89
C THR A 358 -4.07 -4.15 21.03
N ASN A 359 -5.18 -4.68 21.54
CA ASN A 359 -5.27 -6.10 21.91
C ASN A 359 -4.35 -6.49 23.08
N GLN A 360 -3.82 -5.48 23.76
CA GLN A 360 -3.10 -5.66 25.00
C GLN A 360 -4.11 -5.81 26.14
N MET A 361 -4.57 -7.04 26.36
CA MET A 361 -5.67 -7.29 27.30
C MET A 361 -5.24 -7.62 28.72
N SER A 362 -6.07 -7.22 29.68
CA SER A 362 -5.86 -7.46 31.10
C SER A 362 -7.16 -7.30 31.90
N VAL A 363 -7.45 -8.22 32.80
CA VAL A 363 -8.59 -8.05 33.72
C VAL A 363 -8.22 -6.98 34.73
N CYS A 364 -9.03 -5.94 34.81
CA CYS A 364 -8.75 -4.88 35.76
C CYS A 364 -9.87 -4.73 36.81
N LYS A 365 -11.02 -5.33 36.54
CA LYS A 365 -12.13 -5.35 37.49
C LYS A 365 -12.81 -6.71 37.53
N MET A 366 -13.35 -7.05 38.70
CA MET A 366 -14.13 -8.26 38.88
C MET A 366 -15.11 -8.13 40.04
N PHE A 367 -16.25 -8.82 39.93
CA PHE A 367 -17.17 -8.92 41.07
C PHE A 367 -17.71 -10.32 41.35
N ILE A 368 -18.12 -10.54 42.60
CA ILE A 368 -18.79 -11.76 43.01
C ILE A 368 -19.98 -11.37 43.90
N ILE A 369 -20.88 -12.32 44.15
CA ILE A 369 -22.04 -12.06 44.99
C ILE A 369 -21.59 -11.93 46.46
N ASP A 370 -22.09 -10.89 47.13
CA ASP A 370 -21.74 -10.59 48.52
C ASP A 370 -22.85 -11.02 49.51
N LYS A 371 -24.04 -10.44 49.36
CA LYS A 371 -25.15 -10.72 50.26
C LYS A 371 -26.50 -10.62 49.52
N VAL A 372 -27.27 -11.71 49.57
CA VAL A 372 -28.59 -11.77 48.92
C VAL A 372 -29.67 -11.97 49.97
N ASP A 373 -30.65 -11.06 50.00
CA ASP A 373 -31.80 -11.18 50.90
C ASP A 373 -33.09 -10.77 50.20
N GLY A 374 -33.77 -11.75 49.61
CA GLY A 374 -35.01 -11.52 48.85
C GLY A 374 -34.78 -10.69 47.59
N ASP A 375 -35.30 -9.46 47.62
CA ASP A 375 -35.12 -8.50 46.53
C ASP A 375 -33.81 -7.72 46.67
N PHE A 376 -33.12 -7.89 47.80
CA PHE A 376 -31.85 -7.22 48.05
C PHE A 376 -30.67 -8.02 47.49
N CYS A 377 -29.76 -7.31 46.82
CA CYS A 377 -28.54 -7.91 46.31
C CYS A 377 -27.38 -6.90 46.30
N SER A 378 -26.31 -7.24 47.00
CA SER A 378 -25.09 -6.44 47.01
C SER A 378 -23.91 -7.27 46.47
N LEU A 379 -22.83 -6.60 46.07
CA LEU A 379 -21.69 -7.29 45.47
C LEU A 379 -20.35 -7.03 46.16
N ASN A 380 -19.40 -7.94 45.94
CA ASN A 380 -18.01 -7.74 46.32
C ASN A 380 -17.19 -7.37 45.09
N GLU A 381 -17.07 -6.08 44.82
CA GLU A 381 -16.28 -5.62 43.67
C GLU A 381 -14.81 -5.55 44.02
N PHE A 382 -13.97 -5.83 43.03
CA PHE A 382 -12.53 -5.72 43.20
C PHE A 382 -11.89 -5.09 41.97
N SER A 383 -10.71 -4.51 42.18
CA SER A 383 -9.93 -3.99 41.07
C SER A 383 -8.55 -4.59 41.12
N ILE A 384 -8.00 -4.85 39.93
CA ILE A 384 -6.70 -5.49 39.81
C ILE A 384 -5.72 -4.50 39.19
N THR A 385 -4.66 -4.18 39.91
CA THR A 385 -3.58 -3.35 39.38
C THR A 385 -2.66 -4.16 38.49
N GLY A 386 -1.91 -3.47 37.63
CA GLY A 386 -1.02 -4.14 36.67
C GLY A 386 -1.80 -4.46 35.43
N SER A 387 -1.34 -3.96 34.28
CA SER A 387 -2.16 -3.98 33.08
C SER A 387 -1.51 -4.72 31.90
N THR A 388 -0.32 -5.26 32.12
CA THR A 388 0.36 -6.08 31.12
C THR A 388 -0.01 -7.56 31.28
N TYR A 389 0.83 -8.48 30.78
CA TYR A 389 0.54 -9.90 30.93
C TYR A 389 1.22 -10.53 32.14
N ALA A 390 2.10 -9.76 32.78
CA ALA A 390 2.91 -10.23 33.91
C ALA A 390 2.07 -10.48 35.14
N PRO A 391 2.40 -11.55 35.90
CA PRO A 391 1.73 -11.81 37.18
C PRO A 391 2.26 -10.87 38.24
N GLU A 392 2.09 -9.58 38.05
CA GLU A 392 2.62 -8.57 38.96
C GLU A 392 1.59 -7.49 39.22
N GLY A 393 0.85 -7.63 40.31
CA GLY A 393 -0.20 -6.69 40.69
C GLY A 393 -0.92 -7.00 42.00
N GLU A 394 -1.82 -6.11 42.39
CA GLU A 394 -2.62 -6.30 43.59
C GLU A 394 -4.10 -6.42 43.23
N VAL A 395 -4.81 -7.23 43.99
CA VAL A 395 -6.26 -7.18 43.98
C VAL A 395 -6.63 -6.21 45.08
N LEU A 396 -7.37 -5.17 44.73
CA LEU A 396 -7.83 -4.19 45.71
C LEU A 396 -9.34 -4.25 45.86
N LYS A 397 -9.82 -3.88 47.05
CA LYS A 397 -11.23 -3.65 47.30
C LYS A 397 -11.31 -2.34 48.08
N ASN A 398 -12.08 -1.39 47.55
CA ASN A 398 -12.12 -0.03 48.09
C ASN A 398 -10.72 0.59 48.16
N ASP A 399 -9.99 0.50 47.05
CA ASP A 399 -8.62 1.02 46.91
C ASP A 399 -7.61 0.48 47.93
N LYS A 400 -8.05 -0.38 48.84
CA LYS A 400 -7.16 -1.03 49.78
C LYS A 400 -6.90 -2.46 49.34
N PRO A 401 -5.63 -2.88 49.31
CA PRO A 401 -5.24 -4.24 48.91
C PRO A 401 -5.87 -5.31 49.80
N ILE A 402 -6.33 -6.39 49.18
CA ILE A 402 -6.98 -7.50 49.87
C ILE A 402 -6.38 -8.83 49.40
N ARG A 403 -6.55 -9.88 50.19
CA ARG A 403 -6.07 -11.18 49.77
C ARG A 403 -7.21 -12.00 49.17
N SER A 404 -7.14 -12.24 47.87
CA SER A 404 -8.19 -12.95 47.13
C SER A 404 -8.69 -14.19 47.87
N GLY A 405 -7.75 -14.92 48.48
CA GLY A 405 -8.02 -16.20 49.14
C GLY A 405 -9.02 -16.20 50.29
N GLN A 406 -9.28 -15.03 50.87
CA GLN A 406 -10.22 -14.94 51.99
C GLN A 406 -11.67 -15.07 51.53
N PHE A 407 -11.92 -14.66 50.29
CA PHE A 407 -13.26 -14.73 49.70
C PHE A 407 -13.50 -16.06 49.00
N ASP A 408 -14.53 -16.78 49.44
CA ASP A 408 -14.82 -18.11 48.87
C ASP A 408 -15.31 -18.04 47.42
N GLY A 409 -15.99 -16.95 47.06
CA GLY A 409 -16.38 -16.72 45.68
C GLY A 409 -15.18 -16.51 44.77
N LEU A 410 -14.23 -15.73 45.25
CA LEU A 410 -13.00 -15.45 44.49
C LEU A 410 -12.16 -16.71 44.23
N VAL A 411 -12.21 -17.68 45.15
CA VAL A 411 -11.52 -18.95 44.93
C VAL A 411 -12.13 -19.61 43.71
N GLU A 412 -13.44 -19.80 43.72
CA GLU A 412 -14.15 -20.44 42.62
C GLU A 412 -14.04 -19.64 41.32
N LEU A 413 -14.09 -18.32 41.40
CA LEU A 413 -13.90 -17.47 40.22
C LEU A 413 -12.57 -17.81 39.57
N ALA A 414 -11.52 -17.88 40.41
CA ALA A 414 -10.16 -18.14 39.94
C ALA A 414 -9.99 -19.55 39.41
N THR A 415 -10.72 -20.50 39.99
CA THR A 415 -10.75 -21.87 39.49
C THR A 415 -11.38 -21.96 38.09
N ILE A 416 -12.50 -21.27 37.89
CA ILE A 416 -13.11 -21.23 36.56
C ILE A 416 -12.15 -20.62 35.53
N CYS A 417 -11.50 -19.51 35.88
CA CYS A 417 -10.59 -18.82 34.96
C CYS A 417 -9.35 -19.64 34.66
N ALA A 418 -8.96 -20.50 35.58
CA ALA A 418 -7.79 -21.35 35.34
C ALA A 418 -8.12 -22.48 34.38
N LEU A 419 -9.29 -23.10 34.56
CA LEU A 419 -9.64 -24.32 33.80
C LEU A 419 -10.24 -24.02 32.43
N CYS A 420 -11.18 -23.08 32.37
CA CYS A 420 -11.73 -22.59 31.12
C CYS A 420 -10.72 -21.81 30.28
N ASN A 421 -9.53 -22.37 30.14
CA ASN A 421 -8.41 -21.63 29.57
C ASN A 421 -7.53 -22.54 28.72
N ASP A 422 -7.32 -22.14 27.46
CA ASP A 422 -6.45 -22.88 26.57
C ASP A 422 -5.07 -22.22 26.43
N SER A 423 -4.83 -21.20 27.24
CA SER A 423 -3.58 -20.43 27.19
C SER A 423 -2.66 -20.74 28.34
N SER A 424 -1.50 -20.09 28.31
CA SER A 424 -0.60 -20.04 29.45
C SER A 424 0.21 -18.74 29.34
N LEU A 425 1.11 -18.53 30.29
CA LEU A 425 2.07 -17.45 30.20
C LEU A 425 3.42 -18.03 29.86
N ASP A 426 4.35 -17.17 29.46
CA ASP A 426 5.70 -17.61 29.14
C ASP A 426 6.68 -16.48 29.39
N PHE A 427 7.60 -16.67 30.33
CA PHE A 427 8.63 -15.67 30.55
C PHE A 427 9.74 -15.79 29.51
N ASN A 428 9.76 -14.83 28.59
CA ASN A 428 10.85 -14.69 27.63
C ASN A 428 12.07 -14.14 28.35
N GLU A 429 13.16 -14.91 28.30
CA GLU A 429 14.33 -14.58 29.10
C GLU A 429 15.19 -13.50 28.46
N THR A 430 15.37 -13.58 27.14
CA THR A 430 16.24 -12.63 26.42
C THR A 430 15.59 -11.27 26.19
N LYS A 431 14.28 -11.26 25.97
CA LYS A 431 13.52 -10.01 25.84
C LYS A 431 13.27 -9.40 27.21
N GLY A 432 13.12 -10.25 28.22
CA GLY A 432 12.99 -9.83 29.61
C GLY A 432 11.57 -9.72 30.14
N VAL A 433 10.58 -9.91 29.28
CA VAL A 433 9.19 -9.69 29.66
C VAL A 433 8.32 -10.95 29.53
N TYR A 434 7.27 -11.02 30.36
CA TYR A 434 6.29 -12.10 30.31
C TYR A 434 5.47 -12.03 29.03
N GLU A 435 5.22 -13.18 28.42
CA GLU A 435 4.58 -13.22 27.11
C GLU A 435 3.41 -14.17 27.01
N LYS A 436 2.43 -13.76 26.20
CA LYS A 436 1.21 -14.53 25.95
C LYS A 436 1.50 -15.82 25.20
N VAL A 437 0.76 -16.87 25.52
CA VAL A 437 0.86 -18.11 24.76
C VAL A 437 -0.42 -18.37 23.96
N GLY A 438 -1.56 -18.51 24.64
CA GLY A 438 -2.81 -18.75 23.93
C GLY A 438 -3.41 -17.53 23.25
N GLU A 439 -4.69 -17.29 23.49
CA GLU A 439 -5.35 -16.09 23.02
C GLU A 439 -5.17 -14.92 23.99
N ALA A 440 -5.35 -13.71 23.49
CA ALA A 440 -5.27 -12.50 24.30
C ALA A 440 -6.23 -12.50 25.49
N THR A 441 -7.50 -12.80 25.23
CA THR A 441 -8.52 -12.88 26.28
C THR A 441 -8.19 -13.90 27.36
N GLU A 442 -7.66 -15.05 26.94
CA GLU A 442 -7.41 -16.14 27.88
C GLU A 442 -6.11 -15.97 28.65
N THR A 443 -5.06 -15.49 27.99
CA THR A 443 -3.84 -15.15 28.70
C THR A 443 -4.18 -14.16 29.82
N ALA A 444 -5.04 -13.18 29.51
CA ALA A 444 -5.46 -12.18 30.48
C ALA A 444 -6.20 -12.79 31.67
N LEU A 445 -6.78 -13.96 31.45
CA LEU A 445 -7.40 -14.74 32.53
C LEU A 445 -6.36 -15.54 33.32
N THR A 446 -5.41 -16.15 32.61
CA THR A 446 -4.28 -16.81 33.27
C THR A 446 -3.59 -15.83 34.21
N THR A 447 -3.32 -14.63 33.70
CA THR A 447 -2.58 -13.60 34.44
C THR A 447 -3.32 -13.21 35.73
N LEU A 448 -4.64 -13.20 35.66
CA LEU A 448 -5.46 -12.84 36.83
C LEU A 448 -5.40 -13.91 37.93
N VAL A 449 -5.34 -15.17 37.51
CA VAL A 449 -5.26 -16.30 38.43
C VAL A 449 -3.91 -16.30 39.14
N GLU A 450 -2.90 -15.77 38.44
CA GLU A 450 -1.55 -15.61 38.99
C GLU A 450 -1.47 -14.52 40.06
N LYS A 451 -2.11 -13.39 39.78
CA LYS A 451 -2.12 -12.25 40.68
C LYS A 451 -2.95 -12.53 41.91
N MET A 452 -4.05 -13.26 41.72
CA MET A 452 -4.99 -13.53 42.80
C MET A 452 -4.40 -14.46 43.84
N ASN A 453 -3.76 -15.54 43.36
CA ASN A 453 -3.23 -16.60 44.22
C ASN A 453 -4.22 -17.00 45.34
N VAL A 454 -5.33 -17.59 44.93
CA VAL A 454 -6.42 -17.94 45.85
C VAL A 454 -6.05 -19.03 46.86
N PHE A 455 -4.98 -19.78 46.59
CA PHE A 455 -4.62 -20.90 47.46
C PHE A 455 -3.38 -20.68 48.30
N ASN A 456 -2.87 -19.44 48.29
CA ASN A 456 -1.72 -19.04 49.12
C ASN A 456 -0.47 -19.89 48.91
N THR A 457 -0.09 -20.03 47.64
CA THR A 457 1.06 -20.81 47.25
C THR A 457 2.32 -19.99 47.45
N GLU A 458 3.39 -20.64 47.92
CA GLU A 458 4.69 -19.99 48.04
C GLU A 458 5.26 -19.72 46.65
N VAL A 459 5.25 -18.45 46.26
CA VAL A 459 5.67 -18.07 44.91
C VAL A 459 6.83 -17.06 44.92
N ARG A 460 7.11 -16.52 46.12
CA ARG A 460 8.08 -15.45 46.27
C ARG A 460 9.54 -15.86 46.00
N ASN A 461 9.80 -17.17 46.02
CA ASN A 461 11.13 -17.72 45.77
C ASN A 461 11.29 -18.37 44.41
N LEU A 462 10.21 -18.37 43.62
CA LEU A 462 10.21 -18.94 42.28
C LEU A 462 10.96 -18.05 41.29
N SER A 463 11.55 -18.68 40.28
CA SER A 463 12.23 -17.96 39.21
C SER A 463 11.18 -17.42 38.27
N LYS A 464 11.49 -16.31 37.59
CA LYS A 464 10.53 -15.67 36.68
C LYS A 464 9.84 -16.68 35.77
N VAL A 465 10.63 -17.62 35.26
CA VAL A 465 10.15 -18.69 34.36
C VAL A 465 9.16 -19.63 35.06
N GLU A 466 9.55 -20.10 36.24
CA GLU A 466 8.76 -21.04 37.04
C GLU A 466 7.53 -20.37 37.66
N ARG A 467 7.58 -19.04 37.74
CA ARG A 467 6.51 -18.23 38.32
C ARG A 467 5.30 -18.14 37.38
N ALA A 468 5.59 -17.92 36.10
CA ALA A 468 4.59 -17.61 35.08
C ALA A 468 3.24 -18.32 35.19
N ASN A 469 3.25 -19.59 35.59
CA ASN A 469 2.02 -20.37 35.63
C ASN A 469 1.79 -21.10 36.95
N ALA A 470 2.64 -20.80 37.93
CA ALA A 470 2.60 -21.43 39.26
C ALA A 470 1.19 -21.57 39.84
N CYS A 471 0.49 -20.45 40.00
CA CYS A 471 -0.83 -20.44 40.63
C CYS A 471 -1.89 -21.14 39.80
N ASN A 472 -1.74 -21.06 38.47
CA ASN A 472 -2.62 -21.77 37.55
C ASN A 472 -2.44 -23.26 37.67
N SER A 473 -1.20 -23.72 37.65
CA SER A 473 -0.90 -25.15 37.69
C SER A 473 -1.22 -25.80 39.04
N VAL A 474 -1.46 -25.00 40.08
CA VAL A 474 -1.94 -25.56 41.35
C VAL A 474 -3.40 -25.97 41.23
N ILE A 475 -4.21 -25.14 40.56
CA ILE A 475 -5.64 -25.43 40.35
C ILE A 475 -5.76 -26.64 39.44
N ARG A 476 -4.90 -26.72 38.42
CA ARG A 476 -4.90 -27.86 37.51
C ARG A 476 -4.62 -29.20 38.21
N GLN A 477 -3.84 -29.16 39.29
CA GLN A 477 -3.57 -30.33 40.11
C GLN A 477 -4.69 -30.61 41.11
N LEU A 478 -5.82 -29.90 40.98
CA LEU A 478 -6.96 -30.08 41.86
C LEU A 478 -8.15 -30.74 41.19
N MET A 479 -8.28 -30.53 39.88
CA MET A 479 -9.20 -31.34 39.03
C MET A 479 -8.74 -31.61 37.60
N LYS A 480 -8.91 -32.88 37.20
CA LYS A 480 -8.57 -33.36 35.87
C LYS A 480 -9.53 -32.80 34.82
N LYS A 481 -8.95 -32.14 33.82
CA LYS A 481 -9.70 -31.63 32.68
C LYS A 481 -10.05 -32.78 31.75
N GLU A 482 -11.32 -33.18 31.76
CA GLU A 482 -11.80 -34.33 30.98
C GLU A 482 -11.97 -34.02 29.50
N PHE A 483 -12.75 -32.98 29.22
CA PHE A 483 -12.93 -32.50 27.84
C PHE A 483 -13.40 -31.05 27.81
N THR A 484 -13.45 -30.48 26.60
CA THR A 484 -13.77 -29.07 26.44
C THR A 484 -14.91 -28.89 25.45
N LEU A 485 -15.96 -28.23 25.89
CA LEU A 485 -17.04 -27.85 24.98
C LEU A 485 -16.66 -26.50 24.40
N GLU A 486 -16.21 -26.50 23.14
CA GLU A 486 -15.61 -25.31 22.53
C GLU A 486 -16.63 -24.21 22.23
N PHE A 487 -16.14 -22.98 22.12
CA PHE A 487 -16.97 -21.81 21.85
C PHE A 487 -17.76 -21.94 20.55
N SER A 488 -19.00 -21.47 20.57
CA SER A 488 -19.85 -21.38 19.39
C SER A 488 -20.61 -20.06 19.38
N ARG A 489 -20.66 -19.39 18.23
CA ARG A 489 -21.28 -18.07 18.13
C ARG A 489 -22.73 -17.98 18.63
N ASP A 490 -23.46 -19.09 18.57
CA ASP A 490 -24.87 -19.09 18.97
C ASP A 490 -25.08 -18.92 20.47
N ARG A 491 -24.38 -19.69 21.28
CA ARG A 491 -24.50 -19.58 22.73
C ARG A 491 -23.57 -18.53 23.32
N LYS A 492 -22.49 -18.22 22.58
CA LYS A 492 -21.43 -17.33 23.03
C LYS A 492 -20.90 -17.71 24.41
N SER A 493 -20.27 -18.88 24.46
CA SER A 493 -19.65 -19.40 25.67
C SER A 493 -18.96 -20.73 25.40
N MET A 494 -18.04 -21.09 26.29
CA MET A 494 -17.37 -22.37 26.25
C MET A 494 -17.37 -22.95 27.65
N SER A 495 -17.18 -24.26 27.76
CA SER A 495 -17.10 -24.89 29.07
C SER A 495 -16.12 -26.05 29.09
N VAL A 496 -15.75 -26.48 30.29
CA VAL A 496 -14.88 -27.62 30.47
C VAL A 496 -15.47 -28.57 31.51
N TYR A 497 -15.40 -29.86 31.22
CA TYR A 497 -15.86 -30.88 32.15
C TYR A 497 -14.67 -31.33 32.99
N CYS A 498 -14.88 -31.46 34.30
CA CYS A 498 -13.80 -31.83 35.20
C CYS A 498 -14.18 -32.81 36.28
N SER A 499 -13.25 -33.69 36.63
CA SER A 499 -13.38 -34.60 37.76
C SER A 499 -12.26 -34.29 38.75
N PRO A 500 -12.56 -34.32 40.07
CA PRO A 500 -11.54 -34.02 41.08
C PRO A 500 -10.34 -34.97 41.01
N ALA A 501 -9.14 -34.39 41.03
CA ALA A 501 -7.90 -35.15 40.88
C ALA A 501 -7.72 -36.15 42.02
N LYS A 502 -7.25 -37.35 41.68
CA LYS A 502 -7.10 -38.47 42.61
C LYS A 502 -8.33 -38.58 43.54
N SER A 503 -8.18 -38.12 44.78
CA SER A 503 -9.28 -38.13 45.75
C SER A 503 -9.26 -36.91 46.68
N ALA A 507 -15.87 -37.58 48.21
CA ALA A 507 -15.69 -37.51 46.76
C ALA A 507 -16.62 -36.47 46.13
N VAL A 508 -16.13 -35.23 46.07
CA VAL A 508 -16.88 -34.13 45.43
C VAL A 508 -17.14 -34.44 43.95
N GLY A 509 -18.41 -34.47 43.57
CA GLY A 509 -18.81 -34.87 42.21
C GLY A 509 -18.22 -34.01 41.10
N ASN A 510 -18.30 -34.52 39.88
CA ASN A 510 -17.82 -33.82 38.69
C ASN A 510 -18.49 -32.47 38.47
N LYS A 511 -17.80 -31.57 37.79
CA LYS A 511 -18.28 -30.21 37.59
C LYS A 511 -17.99 -29.70 36.19
N MET A 512 -18.80 -28.75 35.75
CA MET A 512 -18.52 -28.00 34.52
C MET A 512 -18.29 -26.54 34.87
N PHE A 513 -17.39 -25.90 34.12
CA PHE A 513 -17.12 -24.48 34.31
C PHE A 513 -17.34 -23.74 33.00
N VAL A 514 -18.18 -22.72 33.06
CA VAL A 514 -18.60 -21.98 31.88
C VAL A 514 -18.08 -20.56 31.98
N LYS A 515 -17.57 -20.06 30.87
CA LYS A 515 -17.33 -18.62 30.71
C LYS A 515 -17.89 -18.18 29.37
N GLY A 516 -18.41 -16.96 29.32
CA GLY A 516 -18.96 -16.42 28.08
C GLY A 516 -19.54 -15.05 28.28
N ALA A 517 -20.31 -14.61 27.28
CA ALA A 517 -21.03 -13.34 27.34
C ALA A 517 -21.96 -13.34 28.56
N PRO A 518 -22.00 -12.22 29.30
CA PRO A 518 -22.86 -12.14 30.48
C PRO A 518 -24.34 -12.35 30.16
N GLU A 519 -24.85 -11.58 29.18
CA GLU A 519 -26.25 -11.67 28.73
C GLU A 519 -26.70 -13.11 28.52
N GLY A 520 -25.87 -13.88 27.81
CA GLY A 520 -26.15 -15.27 27.49
C GLY A 520 -26.18 -16.26 28.64
N VAL A 521 -25.13 -16.25 29.48
CA VAL A 521 -24.95 -17.25 30.53
C VAL A 521 -25.78 -16.99 31.78
N ILE A 522 -26.05 -15.72 32.08
CA ILE A 522 -26.82 -15.34 33.28
C ILE A 522 -28.23 -15.91 33.23
N ASP A 523 -28.82 -15.94 32.03
CA ASP A 523 -30.12 -16.56 31.80
C ASP A 523 -30.07 -18.06 32.03
N ARG A 524 -28.94 -18.69 31.67
CA ARG A 524 -28.78 -20.13 31.85
C ARG A 524 -28.37 -20.53 33.28
N CYS A 525 -28.29 -19.56 34.18
CA CYS A 525 -28.05 -19.80 35.60
C CYS A 525 -29.37 -19.93 36.34
N ASN A 526 -29.50 -21.01 37.13
CA ASN A 526 -30.66 -21.22 38.00
C ASN A 526 -30.40 -20.89 39.46
N TYR A 527 -29.12 -20.76 39.82
CA TYR A 527 -28.70 -20.43 41.18
C TYR A 527 -27.59 -19.39 41.15
N VAL A 528 -27.26 -18.84 42.33
CA VAL A 528 -26.08 -18.00 42.50
C VAL A 528 -25.21 -18.52 43.64
N ARG A 529 -23.89 -18.45 43.47
CA ARG A 529 -22.96 -18.82 44.52
C ARG A 529 -22.67 -17.60 45.39
N VAL A 530 -22.93 -17.76 46.68
CA VAL A 530 -22.56 -16.77 47.69
C VAL A 530 -21.61 -17.45 48.66
N GLY A 531 -20.31 -17.21 48.46
CA GLY A 531 -19.26 -17.90 49.21
C GLY A 531 -19.17 -19.35 48.80
N THR A 532 -19.60 -20.25 49.70
CA THR A 532 -19.78 -21.66 49.41
C THR A 532 -21.26 -22.06 49.46
N THR A 533 -22.13 -21.06 49.52
CA THR A 533 -23.56 -21.28 49.59
C THR A 533 -24.19 -21.12 48.22
N ARG A 534 -25.17 -21.97 47.93
CA ARG A 534 -25.97 -21.82 46.73
C ARG A 534 -27.33 -21.19 47.08
N VAL A 535 -27.74 -20.21 46.29
CA VAL A 535 -28.96 -19.43 46.53
C VAL A 535 -29.76 -19.32 45.22
N PRO A 536 -31.09 -19.59 45.28
CA PRO A 536 -31.96 -19.54 44.09
C PRO A 536 -31.90 -18.20 43.35
N MET A 537 -31.65 -18.27 42.04
CA MET A 537 -31.53 -17.11 41.15
C MET A 537 -32.87 -16.38 40.95
N THR A 538 -32.95 -15.16 41.49
CA THR A 538 -34.16 -14.35 41.38
C THR A 538 -34.02 -13.27 40.30
N GLY A 539 -35.10 -12.55 40.02
CA GLY A 539 -35.11 -11.44 39.09
C GLY A 539 -34.37 -10.19 39.57
N PRO A 540 -34.45 -9.88 40.88
CA PRO A 540 -33.67 -8.80 41.49
C PRO A 540 -32.15 -9.03 41.48
N VAL A 541 -31.73 -10.27 41.69
CA VAL A 541 -30.30 -10.64 41.59
C VAL A 541 -29.83 -10.54 40.13
N LYS A 542 -30.61 -11.12 39.22
CA LYS A 542 -30.34 -11.05 37.78
C LYS A 542 -30.16 -9.61 37.30
N GLU A 543 -31.05 -8.73 37.73
CA GLU A 543 -30.98 -7.33 37.32
C GLU A 543 -29.79 -6.63 37.94
N LYS A 544 -29.48 -6.97 39.19
CA LYS A 544 -28.34 -6.37 39.91
C LYS A 544 -27.00 -6.68 39.25
N ILE A 545 -26.81 -7.94 38.84
CA ILE A 545 -25.61 -8.39 38.14
C ILE A 545 -25.38 -7.57 36.86
N LEU A 546 -26.43 -7.45 36.05
CA LEU A 546 -26.37 -6.72 34.78
C LEU A 546 -26.18 -5.23 34.98
N SER A 547 -26.65 -4.72 36.12
CA SER A 547 -26.44 -3.33 36.52
C SER A 547 -24.97 -2.94 36.42
N VAL A 548 -24.13 -3.75 37.06
CA VAL A 548 -22.71 -3.47 37.10
C VAL A 548 -22.10 -3.80 35.73
N ILE A 549 -22.54 -4.90 35.12
CA ILE A 549 -22.08 -5.32 33.78
C ILE A 549 -22.23 -4.18 32.79
N LYS A 550 -23.38 -3.50 32.83
CA LYS A 550 -23.64 -2.35 32.00
C LYS A 550 -22.79 -1.16 32.44
N GLU A 551 -22.71 -0.93 33.76
CA GLU A 551 -21.93 0.16 34.32
C GLU A 551 -20.49 0.14 33.79
N TRP A 552 -19.93 -1.07 33.69
CA TRP A 552 -18.54 -1.28 33.30
C TRP A 552 -18.26 -1.11 31.81
N GLY A 553 -19.12 -1.67 30.97
CA GLY A 553 -18.98 -1.56 29.51
C GLY A 553 -19.30 -0.19 28.95
N THR A 554 -19.98 0.64 29.74
CA THR A 554 -20.39 1.98 29.34
C THR A 554 -19.48 3.06 29.95
N GLY A 555 -18.76 2.69 31.01
CA GLY A 555 -17.90 3.61 31.75
C GLY A 555 -16.66 4.10 31.02
N ARG A 556 -15.76 4.73 31.78
CA ARG A 556 -14.55 5.36 31.26
C ARG A 556 -13.64 4.43 30.47
N ASP A 557 -13.73 3.13 30.72
CA ASP A 557 -12.79 2.18 30.15
C ASP A 557 -13.42 1.10 29.28
N THR A 558 -14.74 1.20 29.09
CA THR A 558 -15.50 0.31 28.21
C THR A 558 -15.02 -1.14 28.29
N LEU A 559 -15.15 -1.73 29.47
CA LEU A 559 -14.67 -3.08 29.75
C LEU A 559 -15.48 -4.17 29.05
N ARG A 560 -14.80 -5.20 28.56
CA ARG A 560 -15.47 -6.36 27.97
C ARG A 560 -15.68 -7.46 29.01
N CYS A 561 -16.86 -7.45 29.63
CA CYS A 561 -17.19 -8.36 30.72
C CYS A 561 -17.43 -9.79 30.27
N LEU A 562 -17.09 -10.74 31.14
CA LEU A 562 -17.42 -12.15 30.97
C LEU A 562 -18.07 -12.61 32.27
N ALA A 563 -19.10 -13.44 32.17
CA ALA A 563 -19.64 -14.06 33.37
C ALA A 563 -19.15 -15.50 33.50
N LEU A 564 -18.71 -15.84 34.71
CA LEU A 564 -18.16 -17.17 34.97
C LEU A 564 -19.13 -17.94 35.86
N ALA A 565 -19.49 -19.14 35.40
CA ALA A 565 -20.48 -19.97 36.08
C ALA A 565 -20.08 -21.43 36.12
N THR A 566 -20.65 -22.19 37.06
CA THR A 566 -20.46 -23.65 37.12
C THR A 566 -21.80 -24.38 37.03
N ARG A 567 -21.80 -25.50 36.32
CA ARG A 567 -22.88 -26.46 36.43
C ARG A 567 -22.47 -27.38 37.56
N ASP A 568 -23.19 -27.26 38.68
CA ASP A 568 -22.94 -28.06 39.87
C ASP A 568 -23.23 -29.53 39.64
N THR A 569 -24.37 -29.82 39.02
CA THR A 569 -24.72 -31.18 38.64
C THR A 569 -24.72 -31.30 37.11
N PRO A 570 -23.59 -31.77 36.56
CA PRO A 570 -23.46 -32.00 35.12
C PRO A 570 -24.05 -33.34 34.70
N PRO A 571 -24.54 -33.44 33.46
CA PRO A 571 -25.02 -34.71 32.92
C PRO A 571 -23.92 -35.77 32.87
N LYS A 572 -24.33 -37.04 32.81
CA LYS A 572 -23.39 -38.15 32.66
C LYS A 572 -22.46 -37.92 31.48
N ARG A 573 -21.20 -38.34 31.65
CA ARG A 573 -20.16 -38.19 30.64
C ARG A 573 -20.56 -38.78 29.28
N GLU A 574 -21.48 -39.75 29.30
CA GLU A 574 -22.01 -40.39 28.11
C GLU A 574 -23.48 -40.02 27.83
N GLU A 575 -23.85 -38.79 28.17
CA GLU A 575 -25.16 -38.25 27.83
C GLU A 575 -25.00 -37.02 26.94
N MET A 576 -23.77 -36.74 26.53
CA MET A 576 -23.44 -35.55 25.77
C MET A 576 -22.73 -35.88 24.47
N VAL A 577 -23.21 -35.31 23.36
CA VAL A 577 -22.57 -35.47 22.06
C VAL A 577 -21.39 -34.49 21.95
N LEU A 578 -20.17 -35.02 22.01
CA LEU A 578 -18.95 -34.22 22.19
C LEU A 578 -18.35 -33.69 20.88
N ASP A 579 -19.01 -33.93 19.76
CA ASP A 579 -18.52 -33.47 18.46
C ASP A 579 -19.55 -32.63 17.70
N ASP A 580 -20.79 -32.62 18.20
CA ASP A 580 -21.84 -31.80 17.61
C ASP A 580 -21.95 -30.46 18.33
N SER A 581 -21.54 -29.41 17.64
CA SER A 581 -21.42 -28.05 18.20
C SER A 581 -22.74 -27.47 18.71
N SER A 582 -23.82 -27.76 17.99
CA SER A 582 -25.11 -27.10 18.21
C SER A 582 -25.81 -27.53 19.50
N ARG A 583 -25.55 -28.76 19.94
CA ARG A 583 -26.23 -29.29 21.12
C ARG A 583 -25.49 -28.94 22.42
N PHE A 584 -24.42 -28.17 22.32
CA PHE A 584 -23.58 -27.81 23.47
C PHE A 584 -24.31 -26.96 24.52
N MET A 585 -25.05 -25.94 24.08
CA MET A 585 -25.76 -25.04 24.98
C MET A 585 -26.67 -25.77 25.95
N GLU A 586 -27.32 -26.84 25.47
CA GLU A 586 -28.16 -27.70 26.30
C GLU A 586 -27.38 -28.23 27.50
N TYR A 587 -26.11 -28.60 27.27
CA TYR A 587 -25.25 -29.12 28.33
C TYR A 587 -24.70 -28.02 29.24
N GLU A 588 -24.99 -26.76 28.92
CA GLU A 588 -24.55 -25.62 29.71
C GLU A 588 -25.72 -24.87 30.33
N THR A 589 -26.64 -25.62 30.94
CA THR A 589 -27.78 -25.06 31.68
C THR A 589 -27.87 -25.67 33.06
N ASP A 590 -28.76 -25.14 33.90
CA ASP A 590 -28.81 -25.48 35.33
C ASP A 590 -27.53 -24.96 36.02
N LEU A 591 -27.01 -23.84 35.49
CA LEU A 591 -25.75 -23.25 35.92
C LEU A 591 -25.90 -22.46 37.22
N THR A 592 -24.77 -22.17 37.85
CA THR A 592 -24.75 -21.34 39.03
C THR A 592 -23.81 -20.18 38.76
N PHE A 593 -24.37 -18.96 38.78
CA PHE A 593 -23.58 -17.75 38.64
C PHE A 593 -22.55 -17.67 39.77
N VAL A 594 -21.32 -17.32 39.41
CA VAL A 594 -20.25 -17.20 40.41
C VAL A 594 -19.74 -15.76 40.44
N GLY A 595 -19.41 -15.23 39.28
CA GLY A 595 -18.88 -13.86 39.20
C GLY A 595 -18.71 -13.32 37.79
N VAL A 596 -17.99 -12.21 37.68
CA VAL A 596 -17.73 -11.53 36.41
C VAL A 596 -16.34 -10.90 36.40
N VAL A 597 -15.65 -11.00 35.27
CA VAL A 597 -14.36 -10.34 35.10
C VAL A 597 -14.49 -9.30 34.01
N GLY A 598 -14.14 -8.06 34.34
CA GLY A 598 -14.18 -6.96 33.39
C GLY A 598 -12.81 -6.72 32.79
N MET A 599 -12.72 -6.85 31.47
CA MET A 599 -11.45 -6.79 30.77
C MET A 599 -11.18 -5.46 30.11
N LEU A 600 -9.91 -5.09 30.08
CA LEU A 600 -9.50 -3.84 29.46
C LEU A 600 -8.67 -4.12 28.21
N ASP A 601 -9.07 -3.52 27.10
CA ASP A 601 -8.31 -3.53 25.87
C ASP A 601 -8.42 -2.15 25.23
N PRO A 602 -7.40 -1.31 25.44
CA PRO A 602 -7.47 0.13 25.21
C PRO A 602 -7.26 0.51 23.75
N PRO A 603 -7.99 1.54 23.28
CA PRO A 603 -7.82 2.09 21.93
C PRO A 603 -6.38 2.51 21.68
N ARG A 604 -5.87 2.21 20.48
CA ARG A 604 -4.53 2.64 20.09
C ARG A 604 -4.50 4.16 20.07
N LYS A 605 -3.41 4.75 20.55
CA LYS A 605 -3.37 6.19 20.82
C LYS A 605 -3.58 7.09 19.60
N GLU A 606 -3.00 6.71 18.47
CA GLU A 606 -3.11 7.45 17.21
C GLU A 606 -4.52 7.37 16.60
N VAL A 607 -5.25 6.30 16.94
CA VAL A 607 -6.60 6.06 16.42
C VAL A 607 -7.50 7.27 16.64
N MET A 608 -7.49 7.80 17.87
CA MET A 608 -8.23 9.01 18.23
C MET A 608 -8.07 10.13 17.19
N GLY A 609 -6.83 10.39 16.80
CA GLY A 609 -6.48 11.45 15.86
C GLY A 609 -6.66 11.07 14.40
N SER A 610 -6.39 9.81 14.08
CA SER A 610 -6.62 9.29 12.73
C SER A 610 -8.10 9.29 12.36
N ILE A 611 -8.95 9.03 13.36
CA ILE A 611 -10.40 9.19 13.24
C ILE A 611 -10.74 10.63 12.86
N GLN A 612 -10.14 11.59 13.56
CA GLN A 612 -10.35 13.02 13.30
C GLN A 612 -9.90 13.42 11.91
N LEU A 613 -8.77 12.88 11.47
CA LEU A 613 -8.26 13.09 10.11
C LEU A 613 -9.30 12.71 9.06
N CYS A 614 -9.93 11.55 9.26
CA CYS A 614 -10.91 11.00 8.32
C CYS A 614 -12.13 11.90 8.14
N ARG A 615 -12.55 12.55 9.22
CA ARG A 615 -13.59 13.57 9.13
C ARG A 615 -13.15 14.65 8.16
N ASP A 616 -11.97 15.23 8.42
CA ASP A 616 -11.41 16.28 7.59
C ASP A 616 -11.21 15.82 6.14
N ALA A 617 -10.82 14.56 6.00
CA ALA A 617 -10.66 13.93 4.69
C ALA A 617 -12.00 13.74 3.97
N GLY A 618 -13.09 13.65 4.73
CA GLY A 618 -14.41 13.41 4.16
C GLY A 618 -14.71 11.93 4.01
N ILE A 619 -14.05 11.12 4.83
CA ILE A 619 -14.19 9.66 4.81
C ILE A 619 -14.95 9.17 6.05
N ARG A 620 -16.02 8.42 5.82
CA ARG A 620 -16.82 7.84 6.89
C ARG A 620 -16.13 6.61 7.46
N VAL A 621 -16.24 6.42 8.77
CA VAL A 621 -15.61 5.28 9.43
C VAL A 621 -16.65 4.42 10.15
N ILE A 622 -16.71 3.13 9.79
CA ILE A 622 -17.66 2.22 10.40
C ILE A 622 -16.91 1.15 11.19
N MET A 623 -17.08 1.17 12.51
CA MET A 623 -16.52 0.13 13.38
C MET A 623 -17.39 -1.13 13.37
N ILE A 624 -16.76 -2.27 13.09
CA ILE A 624 -17.40 -3.58 13.27
C ILE A 624 -16.79 -4.25 14.50
N THR A 625 -17.66 -4.70 15.42
CA THR A 625 -17.23 -5.23 16.72
C THR A 625 -17.82 -6.57 17.09
N GLY A 626 -17.24 -7.18 18.11
CA GLY A 626 -17.78 -8.39 18.72
C GLY A 626 -18.45 -8.01 20.02
N ASP A 627 -18.18 -6.79 20.46
CA ASP A 627 -18.76 -6.25 21.69
C ASP A 627 -20.26 -6.18 21.59
N ASN A 628 -20.94 -6.27 22.74
CA ASN A 628 -22.37 -5.99 22.76
C ASN A 628 -22.65 -4.53 22.42
N LYS A 629 -23.81 -4.27 21.83
CA LYS A 629 -24.16 -2.96 21.29
C LYS A 629 -23.78 -1.81 22.21
N GLY A 630 -24.21 -1.89 23.47
CA GLY A 630 -23.99 -0.82 24.44
C GLY A 630 -22.53 -0.38 24.54
N THR A 631 -21.67 -1.36 24.78
CA THR A 631 -20.22 -1.17 24.82
C THR A 631 -19.67 -0.71 23.47
N ALA A 632 -20.20 -1.33 22.41
CA ALA A 632 -19.84 -1.00 21.01
C ALA A 632 -20.06 0.47 20.69
N ILE A 633 -21.19 1.01 21.15
CA ILE A 633 -21.49 2.43 20.98
C ILE A 633 -20.52 3.26 21.81
N ALA A 634 -20.33 2.87 23.06
CA ALA A 634 -19.46 3.60 23.99
C ALA A 634 -18.02 3.78 23.48
N ILE A 635 -17.45 2.72 22.92
CA ILE A 635 -16.11 2.79 22.33
C ILE A 635 -16.07 3.76 21.14
N CYS A 636 -17.13 3.75 20.33
CA CYS A 636 -17.27 4.69 19.22
C CYS A 636 -17.32 6.13 19.72
N ARG A 637 -17.94 6.33 20.89
CA ARG A 637 -17.95 7.66 21.52
C ARG A 637 -16.53 8.00 21.96
N ARG A 638 -15.87 7.05 22.62
CA ARG A 638 -14.50 7.23 23.09
C ARG A 638 -13.55 7.66 21.98
N ILE A 639 -13.53 6.91 20.88
CA ILE A 639 -12.56 7.16 19.79
C ILE A 639 -12.94 8.34 18.87
N GLY A 640 -14.18 8.80 18.98
CA GLY A 640 -14.61 9.98 18.24
C GLY A 640 -15.45 9.70 17.01
N ILE A 641 -15.68 8.41 16.72
CA ILE A 641 -16.67 8.04 15.70
C ILE A 641 -17.99 8.74 16.00
N PHE A 642 -18.44 8.67 17.26
CA PHE A 642 -19.59 9.45 17.71
C PHE A 642 -19.13 10.58 18.62
N GLY A 643 -20.06 11.51 18.88
CA GLY A 643 -19.87 12.54 19.91
C GLY A 643 -20.27 11.98 21.27
N GLU A 644 -19.78 12.61 22.33
CA GLU A 644 -20.07 12.17 23.69
C GLU A 644 -21.55 12.26 24.02
N ASN A 645 -22.24 13.23 23.40
CA ASN A 645 -23.66 13.41 23.58
C ASN A 645 -24.48 12.88 22.43
N GLU A 646 -23.86 12.85 21.25
CA GLU A 646 -24.54 12.60 19.99
C GLU A 646 -25.61 11.52 20.06
N GLU A 647 -26.76 11.78 19.45
CA GLU A 647 -27.81 10.79 19.31
C GLU A 647 -27.35 9.71 18.31
N VAL A 648 -27.55 8.45 18.68
CA VAL A 648 -26.96 7.33 17.94
C VAL A 648 -27.97 6.24 17.56
N ALA A 649 -29.15 6.26 18.20
CA ALA A 649 -30.17 5.20 18.07
C ALA A 649 -30.35 4.58 16.68
N ASP A 650 -30.29 5.40 15.63
CA ASP A 650 -30.46 4.92 14.25
C ASP A 650 -29.16 4.91 13.43
N ARG A 651 -28.03 4.92 14.13
CA ARG A 651 -26.72 4.95 13.49
C ARG A 651 -25.78 3.84 13.99
N ALA A 652 -26.27 3.02 14.92
CA ALA A 652 -25.56 1.82 15.36
C ALA A 652 -26.51 0.64 15.52
N TYR A 653 -26.14 -0.50 14.94
CA TYR A 653 -26.97 -1.69 14.90
C TYR A 653 -26.20 -2.95 15.27
N THR A 654 -26.86 -3.92 15.88
CA THR A 654 -26.30 -5.26 16.01
C THR A 654 -26.66 -6.06 14.77
N GLY A 655 -25.92 -7.14 14.52
CA GLY A 655 -26.19 -8.01 13.39
C GLY A 655 -27.59 -8.58 13.44
N ARG A 656 -28.08 -8.85 14.66
CA ARG A 656 -29.42 -9.35 14.89
C ARG A 656 -30.50 -8.35 14.51
N GLU A 657 -30.38 -7.12 15.03
CA GLU A 657 -31.30 -6.02 14.72
C GLU A 657 -31.30 -5.75 13.23
N PHE A 658 -30.10 -5.75 12.66
CA PHE A 658 -29.89 -5.46 11.25
C PHE A 658 -30.58 -6.50 10.38
N ASP A 659 -30.65 -7.74 10.86
CA ASP A 659 -31.27 -8.83 10.12
C ASP A 659 -32.79 -8.80 10.16
N ASP A 660 -33.35 -8.03 11.10
CA ASP A 660 -34.80 -7.90 11.23
C ASP A 660 -35.35 -6.66 10.56
N LEU A 661 -34.48 -5.96 9.83
CA LEU A 661 -34.91 -4.83 9.00
C LEU A 661 -35.18 -5.34 7.60
N PRO A 662 -36.21 -4.79 6.94
CA PRO A 662 -36.49 -5.13 5.55
C PRO A 662 -35.35 -4.65 4.66
N LEU A 663 -35.13 -5.31 3.53
CA LEU A 663 -34.01 -5.01 2.65
C LEU A 663 -33.75 -3.51 2.46
N ALA A 664 -34.81 -2.74 2.25
CA ALA A 664 -34.70 -1.30 1.96
C ALA A 664 -34.26 -0.51 3.17
N GLU A 665 -34.75 -0.88 4.34
CA GLU A 665 -34.32 -0.25 5.58
C GLU A 665 -32.89 -0.65 5.95
N GLN A 666 -32.55 -1.90 5.66
CA GLN A 666 -31.17 -2.40 5.78
C GLN A 666 -30.22 -1.56 4.96
N ARG A 667 -30.62 -1.29 3.72
CA ARG A 667 -29.84 -0.45 2.82
C ARG A 667 -29.72 0.98 3.34
N GLU A 668 -30.84 1.52 3.78
CA GLU A 668 -30.88 2.86 4.34
C GLU A 668 -29.98 2.93 5.57
N ALA A 669 -30.11 1.93 6.44
CA ALA A 669 -29.27 1.83 7.64
C ALA A 669 -27.78 1.95 7.32
N CYS A 670 -27.37 1.36 6.20
CA CYS A 670 -25.95 1.38 5.80
C CYS A 670 -25.45 2.75 5.38
N ARG A 671 -26.38 3.63 5.04
CA ARG A 671 -26.04 4.99 4.61
C ARG A 671 -25.55 5.84 5.78
N ARG A 672 -26.02 5.56 6.98
CA ARG A 672 -25.76 6.43 8.12
C ARG A 672 -24.98 5.76 9.26
N ALA A 673 -24.96 4.43 9.26
CA ALA A 673 -24.39 3.64 10.36
C ALA A 673 -22.87 3.73 10.45
N CYS A 674 -22.38 3.97 11.66
CA CYS A 674 -20.95 4.04 11.92
C CYS A 674 -20.49 2.90 12.81
N CYS A 675 -21.45 2.10 13.29
CA CYS A 675 -21.14 1.07 14.29
C CYS A 675 -22.01 -0.18 14.15
N PHE A 676 -21.36 -1.32 13.90
CA PHE A 676 -22.04 -2.60 13.81
C PHE A 676 -21.51 -3.62 14.84
N ALA A 677 -22.31 -3.92 15.85
CA ALA A 677 -21.89 -4.86 16.89
C ALA A 677 -22.46 -6.25 16.67
N ARG A 678 -21.64 -7.27 16.94
CA ARG A 678 -22.05 -8.68 16.85
C ARG A 678 -22.69 -9.05 15.52
N VAL A 679 -21.87 -9.06 14.47
CA VAL A 679 -22.38 -9.36 13.14
C VAL A 679 -21.95 -10.74 12.67
N GLU A 680 -22.79 -11.37 11.84
CA GLU A 680 -22.42 -12.60 11.15
C GLU A 680 -21.22 -12.37 10.23
N PRO A 681 -20.55 -13.45 9.78
CA PRO A 681 -19.49 -13.27 8.77
C PRO A 681 -20.08 -12.77 7.45
N SER A 682 -21.31 -13.19 7.16
CA SER A 682 -22.02 -12.80 5.95
C SER A 682 -22.55 -11.37 5.98
N HIS A 683 -22.36 -10.67 7.10
CA HIS A 683 -22.83 -9.30 7.19
C HIS A 683 -21.89 -8.29 6.54
N LYS A 684 -20.60 -8.60 6.47
CA LYS A 684 -19.61 -7.70 5.84
C LYS A 684 -19.82 -7.55 4.33
N SER A 685 -20.11 -8.66 3.66
CA SER A 685 -20.44 -8.61 2.23
C SER A 685 -21.72 -7.81 1.98
N LYS A 686 -22.74 -8.05 2.81
CA LYS A 686 -23.98 -7.25 2.75
C LYS A 686 -23.71 -5.76 2.91
N ILE A 687 -22.96 -5.40 3.95
CA ILE A 687 -22.65 -4.00 4.22
C ILE A 687 -21.95 -3.39 3.00
N VAL A 688 -20.92 -4.06 2.49
CA VAL A 688 -20.21 -3.57 1.29
C VAL A 688 -21.20 -3.31 0.15
N GLU A 689 -21.99 -4.33 -0.16
CA GLU A 689 -22.98 -4.25 -1.23
C GLU A 689 -23.87 -3.02 -1.10
N TYR A 690 -24.49 -2.83 0.07
CA TYR A 690 -25.38 -1.69 0.28
C TYR A 690 -24.63 -0.38 0.11
N LEU A 691 -23.46 -0.28 0.74
CA LEU A 691 -22.59 0.87 0.57
C LEU A 691 -22.33 1.19 -0.91
N GLN A 692 -22.15 0.15 -1.70
CA GLN A 692 -21.88 0.28 -3.12
C GLN A 692 -23.05 0.83 -3.92
N SER A 693 -24.27 0.49 -3.53
CA SER A 693 -25.45 1.02 -4.20
C SER A 693 -25.57 2.55 -4.05
N TYR A 694 -24.83 3.12 -3.10
CA TYR A 694 -24.74 4.56 -2.94
C TYR A 694 -23.46 5.12 -3.53
N ASP A 695 -22.77 4.32 -4.35
CA ASP A 695 -21.53 4.73 -5.02
C ASP A 695 -20.40 5.10 -4.07
N GLU A 696 -20.39 4.51 -2.88
CA GLU A 696 -19.32 4.71 -1.92
C GLU A 696 -18.10 3.89 -2.34
N ILE A 697 -16.92 4.39 -2.04
CA ILE A 697 -15.68 3.63 -2.28
C ILE A 697 -15.18 3.16 -0.92
N THR A 698 -15.33 1.86 -0.68
CA THR A 698 -15.24 1.32 0.69
C THR A 698 -14.04 0.41 0.94
N ALA A 699 -13.32 0.70 2.02
CA ALA A 699 -12.17 -0.07 2.43
C ALA A 699 -12.57 -0.96 3.60
N MET A 700 -12.56 -2.27 3.36
CA MET A 700 -12.99 -3.24 4.35
C MET A 700 -11.77 -3.91 4.94
N THR A 701 -11.76 -4.11 6.25
CA THR A 701 -10.72 -4.89 6.89
C THR A 701 -11.22 -6.29 7.12
N GLY A 702 -10.31 -7.26 6.98
CA GLY A 702 -10.57 -8.66 7.30
C GLY A 702 -9.30 -9.39 7.69
N ASP A 703 -9.44 -10.63 8.17
CA ASP A 703 -8.27 -11.45 8.47
C ASP A 703 -8.51 -12.96 8.42
N GLY A 704 -9.77 -13.37 8.48
CA GLY A 704 -10.11 -14.80 8.47
C GLY A 704 -10.53 -15.31 7.10
N VAL A 705 -10.59 -16.64 6.96
CA VAL A 705 -11.09 -17.27 5.75
C VAL A 705 -12.49 -16.77 5.41
N ASN A 706 -13.24 -16.41 6.45
CA ASN A 706 -14.61 -15.91 6.31
C ASN A 706 -14.73 -14.54 5.65
N ASP A 707 -13.75 -13.68 5.88
CA ASP A 707 -13.77 -12.34 5.32
C ASP A 707 -13.32 -12.31 3.85
N ALA A 708 -12.87 -13.45 3.33
CA ALA A 708 -12.33 -13.49 1.97
C ALA A 708 -13.29 -12.95 0.91
N PRO A 709 -14.56 -13.44 0.89
CA PRO A 709 -15.50 -12.94 -0.13
C PRO A 709 -15.80 -11.44 0.01
N ALA A 710 -15.83 -10.96 1.25
CA ALA A 710 -16.16 -9.57 1.57
C ALA A 710 -15.03 -8.63 1.21
N LEU A 711 -13.79 -9.11 1.34
CA LEU A 711 -12.62 -8.32 0.94
C LEU A 711 -12.51 -8.28 -0.58
N LYS A 712 -12.98 -9.34 -1.22
CA LYS A 712 -13.11 -9.36 -2.66
C LYS A 712 -14.14 -8.32 -3.13
N LYS A 713 -15.29 -8.23 -2.46
CA LYS A 713 -16.36 -7.32 -2.86
C LYS A 713 -16.01 -5.85 -2.68
N ALA A 714 -15.24 -5.54 -1.64
CA ALA A 714 -14.92 -4.16 -1.31
C ALA A 714 -13.98 -3.55 -2.34
N GLU A 715 -13.98 -2.22 -2.44
CA GLU A 715 -13.05 -1.50 -3.31
C GLU A 715 -11.59 -1.67 -2.88
N ILE A 716 -11.30 -1.45 -1.61
CA ILE A 716 -9.98 -1.74 -1.08
C ILE A 716 -10.08 -2.79 0.02
N GLY A 717 -9.87 -4.04 -0.38
CA GLY A 717 -9.73 -5.13 0.58
C GLY A 717 -8.44 -4.91 1.34
N ILE A 718 -8.57 -4.64 2.64
CA ILE A 718 -7.42 -4.51 3.52
C ILE A 718 -7.34 -5.73 4.44
N ALA A 719 -6.26 -6.50 4.32
CA ALA A 719 -6.07 -7.68 5.16
C ALA A 719 -5.12 -7.40 6.34
N MET A 720 -5.29 -8.14 7.44
CA MET A 720 -4.37 -8.08 8.56
C MET A 720 -3.11 -8.88 8.28
N GLY A 721 -1.97 -8.31 8.67
CA GLY A 721 -0.67 -8.97 8.54
C GLY A 721 -0.64 -10.25 9.35
N SER A 722 -1.01 -10.13 10.62
CA SER A 722 -1.15 -11.29 11.52
C SER A 722 -2.23 -12.29 11.04
N GLY A 723 -3.15 -11.83 10.20
CA GLY A 723 -4.23 -12.66 9.65
C GLY A 723 -3.82 -13.80 8.72
N THR A 724 -4.81 -14.58 8.28
CA THR A 724 -4.59 -15.77 7.45
C THR A 724 -4.14 -15.42 6.04
N ALA A 725 -3.34 -16.31 5.46
CA ALA A 725 -2.87 -16.14 4.08
C ALA A 725 -4.04 -15.86 3.13
N VAL A 726 -5.10 -16.68 3.25
CA VAL A 726 -6.33 -16.58 2.44
C VAL A 726 -6.88 -15.15 2.36
N ALA A 727 -6.97 -14.49 3.52
CA ALA A 727 -7.47 -13.12 3.62
C ALA A 727 -6.57 -12.15 2.87
N LYS A 728 -5.26 -12.32 3.03
CA LYS A 728 -4.28 -11.50 2.32
C LYS A 728 -4.34 -11.73 0.82
N THR A 729 -4.39 -13.00 0.41
CA THR A 729 -4.42 -13.37 -1.02
C THR A 729 -5.64 -12.78 -1.75
N ALA A 730 -6.65 -12.43 -0.97
CA ALA A 730 -7.92 -11.92 -1.50
C ALA A 730 -8.07 -10.40 -1.33
N SER A 731 -7.00 -9.72 -0.94
CA SER A 731 -7.08 -8.27 -0.67
C SER A 731 -6.07 -7.41 -1.47
N GLU A 732 -6.32 -6.11 -1.51
CA GLU A 732 -5.47 -5.17 -2.25
C GLU A 732 -4.27 -4.67 -1.46
N MET A 733 -4.36 -4.77 -0.13
CA MET A 733 -3.38 -4.17 0.75
C MET A 733 -3.37 -4.91 2.09
N VAL A 734 -2.18 -5.08 2.65
CA VAL A 734 -2.03 -5.73 3.96
C VAL A 734 -1.40 -4.78 4.95
N LEU A 735 -2.10 -4.51 6.05
CA LEU A 735 -1.56 -3.74 7.16
C LEU A 735 -0.54 -4.60 7.87
N ALA A 736 0.73 -4.21 7.79
CA ALA A 736 1.79 -4.98 8.39
C ALA A 736 1.67 -4.99 9.92
N ASP A 737 1.23 -3.86 10.48
CA ASP A 737 1.15 -3.71 11.93
C ASP A 737 -0.28 -3.74 12.46
N ASP A 738 -1.21 -4.24 11.64
CA ASP A 738 -2.63 -4.35 12.01
C ASP A 738 -3.28 -3.07 12.58
N ASN A 739 -2.62 -1.93 12.39
CA ASN A 739 -3.07 -0.68 12.99
C ASN A 739 -4.05 0.03 12.07
N PHE A 740 -5.16 0.49 12.63
CA PHE A 740 -6.18 1.26 11.90
C PHE A 740 -5.59 2.52 11.30
N SER A 741 -4.73 3.19 12.07
CA SER A 741 -4.07 4.41 11.61
C SER A 741 -3.22 4.18 10.37
N THR A 742 -2.71 2.96 10.20
CA THR A 742 -1.95 2.60 9.01
C THR A 742 -2.81 2.79 7.75
N ILE A 743 -4.11 2.48 7.86
CA ILE A 743 -5.05 2.69 6.75
C ILE A 743 -5.16 4.17 6.39
N VAL A 744 -5.45 5.00 7.40
CA VAL A 744 -5.58 6.45 7.21
C VAL A 744 -4.30 7.04 6.59
N ALA A 745 -3.15 6.62 7.13
CA ALA A 745 -1.85 7.00 6.57
C ALA A 745 -1.73 6.62 5.11
N ALA A 746 -2.24 5.43 4.77
CA ALA A 746 -2.21 4.90 3.40
C ALA A 746 -3.11 5.70 2.45
N VAL A 747 -4.28 6.10 2.95
CA VAL A 747 -5.18 6.93 2.17
C VAL A 747 -4.54 8.30 1.90
N GLU A 748 -3.79 8.81 2.88
CA GLU A 748 -3.06 10.05 2.69
C GLU A 748 -1.97 9.91 1.64
N GLU A 749 -1.16 8.86 1.77
CA GLU A 749 -0.13 8.57 0.79
C GLU A 749 -0.70 8.33 -0.60
N GLY A 750 -1.97 7.93 -0.66
CA GLY A 750 -2.68 7.75 -1.92
C GLY A 750 -3.01 9.08 -2.53
N ARG A 751 -3.58 9.97 -1.72
CA ARG A 751 -3.92 11.31 -2.12
C ARG A 751 -2.68 12.14 -2.43
N ALA A 752 -1.64 11.95 -1.61
CA ALA A 752 -0.36 12.61 -1.80
C ALA A 752 0.30 12.21 -3.12
N ILE A 753 0.11 10.96 -3.53
CA ILE A 753 0.64 10.48 -4.81
C ILE A 753 -0.07 11.17 -5.97
N TYR A 754 -1.41 11.10 -5.96
CA TYR A 754 -2.20 11.69 -7.05
C TYR A 754 -1.87 13.15 -7.32
N ASN A 755 -1.68 13.93 -6.25
CA ASN A 755 -1.20 15.31 -6.40
C ASN A 755 0.15 15.40 -7.07
N ASN A 756 1.08 14.55 -6.65
CA ASN A 756 2.43 14.55 -7.19
C ASN A 756 2.48 14.11 -8.65
N MET A 757 1.46 13.37 -9.09
CA MET A 757 1.32 13.01 -10.50
C MET A 757 0.98 14.27 -11.27
N LYS A 758 -0.11 14.93 -10.87
CA LYS A 758 -0.63 16.13 -11.53
C LYS A 758 0.35 17.31 -11.47
N GLN A 759 1.25 17.28 -10.48
CA GLN A 759 2.32 18.27 -10.38
C GLN A 759 3.26 18.13 -11.58
N PHE A 760 3.78 16.92 -11.76
CA PHE A 760 4.65 16.61 -12.88
C PHE A 760 3.89 16.69 -14.21
N ILE A 761 2.63 16.27 -14.21
CA ILE A 761 1.80 16.31 -15.41
C ILE A 761 1.60 17.75 -15.89
N ARG A 762 1.34 18.69 -14.98
CA ARG A 762 1.20 20.09 -15.35
C ARG A 762 2.49 20.60 -15.99
N TYR A 763 3.60 20.36 -15.32
CA TYR A 763 4.91 20.81 -15.78
C TYR A 763 5.30 20.26 -17.15
N LEU A 764 5.00 18.98 -17.40
CA LEU A 764 5.30 18.37 -18.69
C LEU A 764 4.42 18.92 -19.80
N ILE A 765 3.12 19.04 -19.52
CA ILE A 765 2.16 19.46 -20.54
C ILE A 765 2.25 20.94 -20.90
N SER A 766 2.50 21.79 -19.89
CA SER A 766 2.63 23.23 -20.14
C SER A 766 3.91 23.55 -20.93
N SER A 767 5.00 22.87 -20.59
CA SER A 767 6.29 23.09 -21.25
C SER A 767 6.27 22.67 -22.71
N ASN A 768 5.57 21.58 -23.01
CA ASN A 768 5.40 21.13 -24.38
C ASN A 768 4.49 22.06 -25.20
N VAL A 769 3.49 22.64 -24.55
CA VAL A 769 2.65 23.67 -25.17
C VAL A 769 3.48 24.91 -25.42
N GLY A 770 4.44 25.18 -24.53
CA GLY A 770 5.42 26.24 -24.72
C GLY A 770 6.22 26.01 -25.98
N GLU A 771 6.68 24.77 -26.19
CA GLU A 771 7.45 24.40 -27.37
C GLU A 771 6.63 24.51 -28.67
N VAL A 772 5.33 24.28 -28.57
CA VAL A 772 4.42 24.40 -29.73
C VAL A 772 4.06 25.86 -30.02
N VAL A 773 3.80 26.64 -28.98
CA VAL A 773 3.51 28.07 -29.13
C VAL A 773 4.75 28.82 -29.63
N CYS A 774 5.93 28.41 -29.15
CA CYS A 774 7.22 28.99 -29.56
C CYS A 774 7.47 28.90 -31.06
N ILE A 775 7.25 27.71 -31.62
CA ILE A 775 7.54 27.45 -33.03
C ILE A 775 6.42 27.92 -33.97
N PHE A 776 5.17 27.72 -33.58
CA PHE A 776 4.04 28.12 -34.41
C PHE A 776 3.83 29.63 -34.46
N LEU A 777 4.52 30.38 -33.60
CA LEU A 777 4.57 31.83 -33.74
C LEU A 777 5.60 32.28 -34.78
N THR A 778 6.77 31.63 -34.79
CA THR A 778 7.80 31.87 -35.78
C THR A 778 7.28 31.68 -37.20
N ALA A 779 6.53 30.60 -37.42
CA ALA A 779 5.96 30.32 -38.73
C ALA A 779 4.80 31.26 -39.07
N ALA A 780 3.76 31.25 -38.24
CA ALA A 780 2.51 31.96 -38.53
C ALA A 780 2.58 33.48 -38.41
N LEU A 781 3.70 34.02 -37.93
CA LEU A 781 3.93 35.46 -38.01
C LEU A 781 4.89 35.80 -39.16
N GLY A 782 6.00 35.07 -39.24
CA GLY A 782 6.97 35.25 -40.33
C GLY A 782 8.38 35.52 -39.86
N LEU A 783 8.56 35.62 -38.54
CA LEU A 783 9.86 35.92 -37.91
C LEU A 783 10.95 34.88 -38.26
N PRO A 784 12.23 35.22 -38.03
CA PRO A 784 13.32 34.27 -38.28
C PRO A 784 13.30 33.11 -37.27
N GLU A 785 14.03 32.04 -37.59
CA GLU A 785 14.06 30.83 -36.76
C GLU A 785 14.38 31.15 -35.29
N ALA A 786 13.45 30.81 -34.41
CA ALA A 786 13.60 31.09 -32.98
C ALA A 786 14.61 30.14 -32.34
N LEU A 787 14.52 28.85 -32.67
CA LEU A 787 15.44 27.83 -32.19
C LEU A 787 15.73 26.79 -33.27
N ILE A 788 17.00 26.40 -33.37
CA ILE A 788 17.43 25.34 -34.30
C ILE A 788 17.10 23.97 -33.68
N PRO A 789 16.85 22.94 -34.53
CA PRO A 789 16.61 21.57 -34.04
C PRO A 789 17.61 21.05 -33.01
N VAL A 790 18.87 21.47 -33.10
CA VAL A 790 19.91 21.07 -32.15
C VAL A 790 19.67 21.71 -30.78
N GLN A 791 19.10 22.91 -30.78
CA GLN A 791 18.82 23.65 -29.54
C GLN A 791 17.54 23.17 -28.87
N LEU A 792 16.50 22.92 -29.67
CA LEU A 792 15.22 22.44 -29.18
C LEU A 792 15.36 21.09 -28.50
N LEU A 793 16.15 20.20 -29.09
CA LEU A 793 16.41 18.89 -28.51
C LEU A 793 17.33 18.96 -27.29
N TRP A 794 17.99 20.11 -27.10
CA TRP A 794 18.84 20.30 -25.93
C TRP A 794 18.03 20.69 -24.70
N VAL A 795 17.19 21.71 -24.82
CA VAL A 795 16.29 22.11 -23.72
C VAL A 795 15.39 20.96 -23.33
N ASN A 796 14.95 20.20 -24.33
CA ASN A 796 14.07 19.05 -24.14
C ASN A 796 14.78 17.86 -23.50
N LEU A 797 16.10 17.92 -23.43
CA LEU A 797 16.89 16.90 -22.74
C LEU A 797 17.25 17.34 -21.33
N VAL A 798 17.56 18.63 -21.16
CA VAL A 798 17.94 19.17 -19.85
C VAL A 798 16.74 19.28 -18.91
N THR A 799 15.61 19.75 -19.45
CA THR A 799 14.39 19.88 -18.64
C THR A 799 13.84 18.51 -18.24
N ASP A 800 13.75 17.59 -19.20
CA ASP A 800 13.27 16.23 -18.96
C ASP A 800 14.26 15.36 -18.20
N GLY A 801 15.47 15.88 -17.98
CA GLY A 801 16.55 15.11 -17.37
C GLY A 801 16.89 15.53 -15.95
N LEU A 802 16.71 16.80 -15.62
CA LEU A 802 17.04 17.29 -14.29
C LEU A 802 15.84 17.85 -13.50
N PRO A 803 15.28 19.01 -13.90
CA PRO A 803 14.16 19.53 -13.10
C PRO A 803 12.88 18.69 -13.17
N ALA A 804 12.67 17.99 -14.28
CA ALA A 804 11.50 17.14 -14.41
C ALA A 804 11.61 15.93 -13.49
N THR A 805 12.77 15.29 -13.50
CA THR A 805 13.00 14.11 -12.67
C THR A 805 13.21 14.44 -11.19
N ALA A 806 13.39 15.74 -10.91
CA ALA A 806 13.51 16.23 -9.54
C ALA A 806 12.14 16.40 -8.89
N LEU A 807 11.12 16.66 -9.70
CA LEU A 807 9.75 16.83 -9.20
C LEU A 807 9.15 15.52 -8.67
N GLY A 808 9.72 14.38 -9.07
CA GLY A 808 9.33 13.10 -8.52
C GLY A 808 9.81 12.93 -7.08
N PHE A 809 10.53 13.92 -6.59
CA PHE A 809 11.11 13.88 -5.26
C PHE A 809 10.63 15.02 -4.34
N ASN A 810 9.72 15.86 -4.83
CA ASN A 810 9.18 16.94 -4.01
C ASN A 810 8.15 16.45 -2.98
N PRO A 811 8.20 17.00 -1.74
CA PRO A 811 7.44 16.49 -0.60
C PRO A 811 5.92 16.59 -0.78
N PRO A 812 5.17 15.67 -0.12
CA PRO A 812 3.72 15.54 -0.25
C PRO A 812 3.03 16.87 -0.01
N ASP A 813 2.10 17.20 -0.91
CA ASP A 813 1.43 18.50 -0.91
C ASP A 813 0.74 18.84 0.40
N LEU A 814 0.39 20.11 0.57
CA LEU A 814 0.14 20.69 1.88
C LEU A 814 -1.22 20.38 2.50
N ASP A 815 -2.30 20.60 1.77
CA ASP A 815 -3.64 20.46 2.33
C ASP A 815 -4.41 19.23 1.86
N ILE A 816 -3.69 18.28 1.26
CA ILE A 816 -4.27 17.09 0.63
C ILE A 816 -5.37 16.41 1.45
N MET A 817 -5.19 16.37 2.77
CA MET A 817 -6.11 15.66 3.66
C MET A 817 -7.23 16.51 4.25
N ASP A 818 -7.38 17.73 3.72
CA ASP A 818 -8.39 18.66 4.21
C ASP A 818 -9.56 18.87 3.24
N ARG A 819 -9.44 18.33 2.03
CA ARG A 819 -10.50 18.37 1.02
C ARG A 819 -11.26 17.03 0.95
N PRO A 820 -12.49 17.03 0.38
CA PRO A 820 -13.23 15.78 0.22
C PRO A 820 -12.58 14.82 -0.78
N PRO A 821 -12.88 13.51 -0.68
CA PRO A 821 -12.19 12.48 -1.45
C PRO A 821 -12.50 12.55 -2.94
N ARG A 822 -11.46 12.47 -3.76
CA ARG A 822 -11.57 12.46 -5.22
C ARG A 822 -12.66 11.52 -5.71
N SER A 823 -13.36 11.93 -6.76
CA SER A 823 -14.41 11.11 -7.37
C SER A 823 -13.85 10.30 -8.55
N PRO A 824 -14.26 9.03 -8.68
CA PRO A 824 -13.74 8.20 -9.76
C PRO A 824 -14.37 8.50 -11.10
N LYS A 825 -15.41 9.34 -11.12
CA LYS A 825 -16.06 9.75 -12.36
C LYS A 825 -15.49 11.07 -12.90
N GLU A 826 -14.63 11.71 -12.11
CA GLU A 826 -13.99 12.97 -12.50
C GLU A 826 -12.98 12.76 -13.63
N PRO A 827 -12.80 13.77 -14.49
CA PRO A 827 -11.80 13.68 -15.55
C PRO A 827 -10.42 13.93 -14.97
N LEU A 828 -9.39 13.37 -15.60
CA LEU A 828 -8.01 13.54 -15.16
C LEU A 828 -7.61 15.00 -15.15
N ILE A 829 -7.86 15.70 -16.25
CA ILE A 829 -7.56 17.12 -16.36
C ILE A 829 -8.86 17.89 -16.60
N SER A 830 -9.21 18.74 -15.63
CA SER A 830 -10.45 19.51 -15.69
C SER A 830 -10.38 20.63 -16.73
N GLY A 831 -11.45 21.41 -16.82
CA GLY A 831 -11.47 22.57 -17.71
C GLY A 831 -10.47 23.62 -17.26
N TRP A 832 -10.62 24.04 -16.01
CA TRP A 832 -9.74 25.04 -15.40
C TRP A 832 -8.27 24.68 -15.51
N LEU A 833 -7.94 23.41 -15.32
CA LEU A 833 -6.57 22.94 -15.37
C LEU A 833 -6.03 22.97 -16.80
N PHE A 834 -6.88 22.62 -17.77
CA PHE A 834 -6.52 22.72 -19.19
C PHE A 834 -6.22 24.16 -19.57
N PHE A 835 -6.88 25.09 -18.89
CA PHE A 835 -6.65 26.52 -19.07
C PHE A 835 -5.29 26.93 -18.51
N ARG A 836 -4.96 26.43 -17.32
CA ARG A 836 -3.65 26.68 -16.71
C ARG A 836 -2.50 26.12 -17.53
N TYR A 837 -2.77 25.04 -18.27
CA TYR A 837 -1.79 24.44 -19.15
C TYR A 837 -1.59 25.30 -20.40
N MET A 838 -2.66 25.99 -20.81
CA MET A 838 -2.61 26.93 -21.93
C MET A 838 -2.04 28.27 -21.51
N ALA A 839 -2.64 28.88 -20.49
CA ALA A 839 -2.20 30.17 -19.97
C ALA A 839 -0.68 30.21 -19.78
N ILE A 840 -0.13 29.21 -19.10
CA ILE A 840 1.31 29.06 -18.94
C ILE A 840 1.94 28.69 -20.28
N GLY A 841 1.45 27.63 -20.89
CA GLY A 841 1.95 27.14 -22.18
C GLY A 841 2.03 28.19 -23.28
N GLY A 842 1.13 29.16 -23.23
CA GLY A 842 1.15 30.28 -24.14
C GLY A 842 2.28 31.22 -23.82
N TYR A 843 2.29 31.72 -22.58
CA TYR A 843 3.29 32.70 -22.14
C TYR A 843 4.73 32.22 -22.29
N VAL A 844 4.99 30.95 -21.99
CA VAL A 844 6.34 30.40 -22.16
C VAL A 844 6.76 30.37 -23.64
N GLY A 845 5.82 30.02 -24.52
CA GLY A 845 6.07 30.04 -25.96
C GLY A 845 6.26 31.44 -26.53
N ALA A 846 5.50 32.39 -26.00
CA ALA A 846 5.58 33.79 -26.44
C ALA A 846 6.79 34.50 -25.85
N ALA A 847 7.23 34.08 -24.67
CA ALA A 847 8.36 34.69 -23.98
C ALA A 847 9.71 34.33 -24.61
N THR A 848 9.75 33.20 -25.31
CA THR A 848 10.97 32.78 -26.01
C THR A 848 11.07 33.42 -27.40
N VAL A 849 9.93 33.55 -28.07
CA VAL A 849 9.85 34.22 -29.37
C VAL A 849 9.84 35.75 -29.18
N GLY A 850 9.54 36.19 -27.97
CA GLY A 850 9.59 37.61 -27.62
C GLY A 850 10.89 37.99 -26.92
N ALA A 851 11.93 37.19 -27.16
CA ALA A 851 13.26 37.44 -26.62
C ALA A 851 14.28 37.44 -27.74
N ALA A 852 14.10 36.52 -28.70
CA ALA A 852 14.89 36.49 -29.92
C ALA A 852 14.52 37.68 -30.79
N ALA A 853 13.23 37.99 -30.84
CA ALA A 853 12.72 39.14 -31.57
C ALA A 853 13.09 40.46 -30.87
N TRP A 854 13.27 40.39 -29.55
CA TRP A 854 13.69 41.56 -28.77
C TRP A 854 15.11 41.99 -29.11
N TRP A 855 15.97 41.02 -29.41
CA TRP A 855 17.37 41.29 -29.76
C TRP A 855 17.49 42.19 -31.00
N PHE A 856 16.58 42.00 -31.95
CA PHE A 856 16.47 42.89 -33.10
C PHE A 856 15.74 44.15 -32.63
N MET A 857 14.42 44.08 -32.61
CA MET A 857 13.53 45.22 -32.34
C MET A 857 14.05 46.31 -31.40
N TYR A 858 14.26 45.96 -30.13
CA TYR A 858 14.51 46.99 -29.09
C TYR A 858 15.85 46.86 -28.36
N ALA A 859 16.69 45.92 -28.76
CA ALA A 859 18.02 45.76 -28.14
C ALA A 859 19.07 46.58 -28.86
N GLU A 860 20.21 46.75 -28.22
CA GLU A 860 21.29 47.59 -28.75
C GLU A 860 22.42 46.74 -29.34
N ASP A 861 22.09 45.94 -30.36
CA ASP A 861 23.06 45.11 -31.07
C ASP A 861 22.67 44.91 -32.53
N GLY A 862 22.33 46.02 -33.20
CA GLY A 862 21.89 45.97 -34.60
C GLY A 862 20.41 45.66 -34.69
N PRO A 863 19.55 46.66 -34.45
CA PRO A 863 18.12 46.46 -34.34
C PRO A 863 17.36 46.46 -35.67
N GLY A 864 16.33 45.62 -35.74
CA GLY A 864 15.33 45.69 -36.82
C GLY A 864 14.34 46.79 -36.48
N VAL A 865 13.48 47.12 -37.44
CA VAL A 865 12.60 48.28 -37.31
C VAL A 865 11.43 48.02 -36.36
N THR A 866 11.24 48.93 -35.40
CA THR A 866 10.20 48.82 -34.36
C THR A 866 8.80 49.09 -34.91
N TYR A 867 8.72 49.44 -36.18
CA TYR A 867 7.47 49.52 -36.94
C TYR A 867 6.96 48.10 -37.05
N HIS A 868 7.53 47.36 -38.01
CA HIS A 868 7.37 45.91 -38.17
C HIS A 868 7.98 45.49 -39.51
N GLN A 869 9.29 45.26 -39.49
CA GLN A 869 10.03 44.94 -40.70
C GLN A 869 10.68 43.57 -40.59
N LEU A 870 10.95 43.16 -39.35
CA LEU A 870 11.59 41.87 -39.03
C LEU A 870 10.84 40.66 -39.61
N THR A 871 9.53 40.82 -39.78
CA THR A 871 8.66 39.81 -40.41
C THR A 871 9.17 39.43 -41.81
N HIS A 872 9.57 40.44 -42.58
CA HIS A 872 9.94 40.27 -43.99
C HIS A 872 11.45 40.12 -44.17
N PHE A 873 12.06 39.26 -43.33
CA PHE A 873 13.49 38.95 -43.41
C PHE A 873 13.87 38.31 -44.74
N MET A 874 12.87 37.79 -45.44
CA MET A 874 13.03 37.02 -46.68
C MET A 874 13.57 37.83 -47.86
N GLN A 875 13.32 39.14 -47.86
CA GLN A 875 13.71 40.01 -48.97
C GLN A 875 14.79 41.01 -48.53
N CYS A 876 16.04 40.58 -48.60
CA CYS A 876 17.17 41.39 -48.14
C CYS A 876 18.42 41.16 -48.98
N THR A 877 18.81 39.89 -49.13
CA THR A 877 20.01 39.52 -49.89
C THR A 877 19.94 39.93 -51.37
N GLU A 878 18.73 39.93 -51.93
CA GLU A 878 18.50 40.42 -53.29
C GLU A 878 17.70 41.73 -53.33
N ASP A 879 16.76 41.87 -52.41
CA ASP A 879 15.86 43.03 -52.40
C ASP A 879 16.28 44.09 -51.36
N HIS A 880 17.59 44.34 -51.28
CA HIS A 880 18.14 45.35 -50.36
C HIS A 880 17.71 46.80 -50.68
N PRO A 881 17.78 47.21 -51.97
CA PRO A 881 17.46 48.61 -52.31
C PRO A 881 16.04 49.07 -51.98
N HIS A 882 15.14 48.13 -51.67
CA HIS A 882 13.76 48.48 -51.33
C HIS A 882 13.49 48.38 -49.83
N PHE A 883 13.24 49.53 -49.21
CA PHE A 883 12.76 49.64 -47.83
C PHE A 883 13.59 48.88 -46.78
N GLU A 884 14.91 48.98 -46.87
CA GLU A 884 15.80 48.34 -45.91
C GLU A 884 16.88 49.31 -45.43
N GLY A 885 18.01 49.34 -46.13
CA GLY A 885 19.13 50.23 -45.78
C GLY A 885 19.93 49.76 -44.58
N LEU A 886 20.35 48.50 -44.60
CA LEU A 886 21.15 47.90 -43.53
C LEU A 886 21.82 46.60 -43.97
N ASP A 887 22.41 45.89 -43.01
CA ASP A 887 23.02 44.59 -43.24
C ASP A 887 21.93 43.55 -43.54
N CYS A 888 22.22 42.63 -44.48
CA CYS A 888 21.29 41.55 -44.83
C CYS A 888 21.93 40.17 -44.65
N GLU A 889 22.56 40.00 -43.48
CA GLU A 889 23.12 38.72 -43.07
C GLU A 889 23.07 38.59 -41.55
N ILE A 890 22.80 39.72 -40.88
CA ILE A 890 22.55 39.72 -39.43
C ILE A 890 21.04 39.53 -39.19
N PHE A 891 20.59 38.32 -39.53
CA PHE A 891 19.26 37.81 -39.20
C PHE A 891 19.49 36.41 -38.65
N GLU A 892 20.41 35.69 -39.28
CA GLU A 892 20.88 34.39 -38.82
C GLU A 892 21.91 34.56 -37.71
N ALA A 893 22.01 35.78 -37.18
CA ALA A 893 22.97 36.15 -36.14
C ALA A 893 22.99 35.18 -34.97
N PRO A 894 24.18 34.94 -34.37
CA PRO A 894 24.31 33.95 -33.31
C PRO A 894 24.00 34.50 -31.91
N GLU A 895 23.10 35.49 -31.85
CA GLU A 895 22.81 36.20 -30.60
C GLU A 895 21.32 36.30 -30.23
N PRO A 896 20.41 36.38 -31.22
CA PRO A 896 18.99 36.29 -30.87
C PRO A 896 18.59 34.88 -30.42
N MET A 897 19.21 33.87 -31.02
CA MET A 897 18.93 32.47 -30.70
C MET A 897 19.46 32.06 -29.32
N THR A 898 20.49 32.75 -28.85
CA THR A 898 21.01 32.54 -27.49
C THR A 898 20.29 33.38 -26.44
N MET A 899 19.32 34.17 -26.89
CA MET A 899 18.37 34.81 -25.99
C MET A 899 17.13 33.92 -25.87
N ALA A 900 16.76 33.29 -26.98
CA ALA A 900 15.61 32.38 -27.03
C ALA A 900 15.85 31.09 -26.27
N LEU A 901 17.08 30.58 -26.31
CA LEU A 901 17.46 29.39 -25.57
C LEU A 901 17.59 29.69 -24.08
N SER A 902 18.29 30.78 -23.75
CA SER A 902 18.52 31.18 -22.36
C SER A 902 17.23 31.50 -21.61
N VAL A 903 16.29 32.15 -22.31
CA VAL A 903 14.97 32.42 -21.74
C VAL A 903 14.23 31.11 -21.50
N LEU A 904 14.23 30.23 -22.49
CA LEU A 904 13.55 28.93 -22.39
C LEU A 904 14.03 28.09 -21.21
N VAL A 905 15.35 27.95 -21.06
CA VAL A 905 15.91 27.24 -19.91
C VAL A 905 15.46 27.90 -18.60
N THR A 906 15.71 29.20 -18.47
CA THR A 906 15.39 29.91 -17.23
C THR A 906 13.89 29.89 -16.89
N ILE A 907 13.04 30.04 -17.91
CA ILE A 907 11.58 29.99 -17.70
C ILE A 907 11.13 28.57 -17.33
N GLU A 908 11.87 27.56 -17.79
CA GLU A 908 11.61 26.17 -17.42
C GLU A 908 12.06 25.88 -16.00
N MET A 909 13.14 26.52 -15.56
CA MET A 909 13.57 26.42 -14.18
C MET A 909 12.58 27.17 -13.28
N CYS A 910 12.03 28.26 -13.83
CA CYS A 910 11.03 29.06 -13.14
C CYS A 910 9.70 28.32 -13.02
N ASN A 911 9.31 27.63 -14.10
CA ASN A 911 8.07 26.85 -14.15
C ASN A 911 8.12 25.62 -13.26
N ALA A 912 9.32 25.09 -13.05
CA ALA A 912 9.54 23.94 -12.19
C ALA A 912 9.25 24.27 -10.72
N LEU A 913 9.41 25.54 -10.36
CA LEU A 913 9.08 26.00 -9.02
C LEU A 913 7.56 26.14 -8.85
N ASN A 914 6.86 26.31 -9.97
CA ASN A 914 5.40 26.36 -9.95
C ASN A 914 4.76 24.99 -9.72
N SER A 915 5.57 23.94 -9.82
CA SER A 915 5.11 22.56 -9.70
C SER A 915 5.63 21.87 -8.45
N LEU A 916 5.71 22.62 -7.35
CA LEU A 916 6.00 22.05 -6.03
C LEU A 916 4.71 21.90 -5.24
N SER A 917 3.63 22.41 -5.84
CA SER A 917 2.28 22.33 -5.28
C SER A 917 1.29 22.74 -6.36
N GLU A 918 0.11 22.11 -6.36
CA GLU A 918 -0.90 22.43 -7.38
C GLU A 918 -1.47 23.84 -7.23
N ASN A 919 -1.83 24.22 -6.01
CA ASN A 919 -2.47 25.50 -5.77
C ASN A 919 -1.75 26.40 -4.76
N GLN A 920 -0.99 25.80 -3.86
CA GLN A 920 -0.34 26.56 -2.78
C GLN A 920 0.79 27.43 -3.30
N SER A 921 0.74 28.70 -2.92
CA SER A 921 1.69 29.72 -3.38
C SER A 921 3.10 29.49 -2.84
N LEU A 922 4.08 30.09 -3.49
CA LEU A 922 5.48 29.93 -3.09
C LEU A 922 5.80 30.59 -1.76
N MET A 923 4.97 31.55 -1.35
CA MET A 923 5.13 32.20 -0.05
C MET A 923 4.63 31.34 1.12
N ARG A 924 3.96 30.23 0.79
CA ARG A 924 3.54 29.26 1.81
C ARG A 924 4.25 27.91 1.65
N MET A 925 4.75 27.64 0.44
CA MET A 925 5.60 26.49 0.19
C MET A 925 6.81 26.92 -0.63
N PRO A 926 7.88 27.38 0.05
CA PRO A 926 9.08 27.97 -0.55
C PRO A 926 9.79 27.08 -1.57
N PRO A 927 10.61 27.67 -2.46
CA PRO A 927 11.41 26.90 -3.41
C PRO A 927 12.26 25.79 -2.78
N TRP A 928 12.63 25.95 -1.51
CA TRP A 928 13.46 24.95 -0.83
C TRP A 928 12.66 23.83 -0.16
N VAL A 929 11.38 23.71 -0.48
CA VAL A 929 10.56 22.57 -0.06
C VAL A 929 11.13 21.30 -0.72
N ASN A 930 11.45 21.40 -2.02
CA ASN A 930 12.24 20.40 -2.71
C ASN A 930 13.68 20.88 -2.85
N ILE A 931 14.51 20.48 -1.90
CA ILE A 931 15.93 20.86 -1.83
C ILE A 931 16.71 20.30 -3.03
N TRP A 932 16.07 19.37 -3.74
CA TRP A 932 16.72 18.66 -4.83
C TRP A 932 16.45 19.32 -6.17
N LEU A 933 15.27 19.93 -6.31
CA LEU A 933 14.95 20.71 -7.51
C LEU A 933 15.89 21.91 -7.65
N LEU A 934 16.17 22.56 -6.52
CA LEU A 934 17.14 23.65 -6.49
C LEU A 934 18.51 23.16 -6.92
N GLY A 935 18.85 21.92 -6.56
CA GLY A 935 20.07 21.27 -7.00
C GLY A 935 20.10 21.08 -8.51
N SER A 936 19.01 20.57 -9.07
CA SER A 936 18.89 20.36 -10.50
C SER A 936 18.83 21.66 -11.30
N ILE A 937 18.47 22.76 -10.62
CA ILE A 937 18.51 24.09 -11.24
C ILE A 937 19.96 24.52 -11.45
N CYS A 938 20.76 24.41 -10.41
CA CYS A 938 22.18 24.75 -10.46
C CYS A 938 22.94 23.84 -11.43
N LEU A 939 22.60 22.54 -11.40
CA LEU A 939 23.20 21.56 -12.30
C LEU A 939 22.78 21.75 -13.75
N SER A 940 21.58 22.28 -13.96
CA SER A 940 21.11 22.63 -15.31
C SER A 940 21.78 23.92 -15.78
N MET A 941 22.01 24.84 -14.85
CA MET A 941 22.66 26.11 -15.16
C MET A 941 24.14 25.92 -15.49
N SER A 942 24.77 24.93 -14.86
CA SER A 942 26.17 24.62 -15.14
C SER A 942 26.34 24.01 -16.54
N LEU A 943 25.36 23.23 -16.97
CA LEU A 943 25.37 22.63 -18.31
C LEU A 943 25.01 23.65 -19.39
N HIS A 944 24.15 24.61 -19.03
CA HIS A 944 23.75 25.68 -19.95
C HIS A 944 24.89 26.67 -20.17
N PHE A 945 25.63 26.98 -19.10
CA PHE A 945 26.78 27.89 -19.19
C PHE A 945 27.99 27.23 -19.85
N LEU A 946 28.02 25.90 -19.88
CA LEU A 946 29.13 25.17 -20.50
C LEU A 946 29.06 25.18 -22.03
N ILE A 947 27.85 25.31 -22.57
CA ILE A 947 27.66 25.42 -24.02
C ILE A 947 27.62 26.88 -24.50
N LEU A 948 28.05 27.78 -23.62
CA LEU A 948 28.15 29.20 -23.94
C LEU A 948 29.58 29.69 -23.81
N TYR A 949 30.42 28.90 -23.14
CA TYR A 949 31.77 29.34 -22.81
C TYR A 949 32.86 28.38 -23.29
N VAL A 950 32.71 27.09 -23.02
CA VAL A 950 33.67 26.08 -23.49
C VAL A 950 33.62 26.01 -25.02
N ASP A 951 34.67 26.50 -25.65
CA ASP A 951 34.64 26.97 -27.04
C ASP A 951 34.39 25.96 -28.19
N PRO A 952 34.75 24.66 -28.01
CA PRO A 952 34.43 23.72 -29.09
C PRO A 952 32.92 23.57 -29.38
N LEU A 953 32.09 23.88 -28.39
CA LEU A 953 30.64 23.66 -28.49
C LEU A 953 29.82 24.82 -29.07
N PRO A 954 29.96 26.06 -28.53
CA PRO A 954 29.11 27.18 -28.94
C PRO A 954 29.09 27.50 -30.44
N MET A 955 29.99 26.89 -31.21
CA MET A 955 29.94 27.00 -32.66
C MET A 955 28.77 26.18 -33.20
N ILE A 956 28.65 24.95 -32.71
CA ILE A 956 27.56 24.04 -33.09
C ILE A 956 26.21 24.52 -32.52
N PHE A 957 26.26 25.27 -31.42
CA PHE A 957 25.06 25.94 -30.89
C PHE A 957 25.06 27.41 -31.32
N LYS A 958 25.27 28.33 -30.36
CA LYS A 958 25.42 29.78 -30.64
C LYS A 958 26.35 30.46 -29.61
N LEU A 959 26.72 31.72 -29.87
CA LEU A 959 27.63 32.48 -28.99
C LEU A 959 26.92 33.14 -27.81
N LYS A 960 27.65 33.34 -26.71
CA LYS A 960 27.07 33.72 -25.42
C LYS A 960 26.24 35.01 -25.37
N ALA A 961 25.37 35.10 -24.36
CA ALA A 961 24.59 36.31 -24.09
C ALA A 961 25.43 37.29 -23.28
N LEU A 962 25.26 38.59 -23.56
CA LEU A 962 26.08 39.64 -22.96
C LEU A 962 26.07 39.55 -21.43
N ASP A 963 27.25 39.32 -20.88
CA ASP A 963 27.48 38.89 -19.48
C ASP A 963 26.50 39.33 -18.39
N LEU A 964 26.05 40.59 -18.42
CA LEU A 964 25.22 41.13 -17.35
C LEU A 964 23.95 41.85 -17.79
N THR A 965 24.01 42.51 -18.96
CA THR A 965 22.89 43.33 -19.44
C THR A 965 21.76 42.48 -20.02
N GLN A 966 22.12 41.46 -20.79
CA GLN A 966 21.14 40.61 -21.45
C GLN A 966 20.60 39.48 -20.56
N TRP A 967 21.35 39.17 -19.49
CA TRP A 967 20.89 38.22 -18.47
C TRP A 967 19.83 38.81 -17.57
N LEU A 968 19.86 40.13 -17.40
CA LEU A 968 18.81 40.85 -16.68
C LEU A 968 17.52 40.87 -17.50
N MET A 969 17.66 40.87 -18.82
CA MET A 969 16.51 40.83 -19.72
C MET A 969 15.90 39.44 -19.77
N VAL A 970 16.75 38.42 -19.88
CA VAL A 970 16.30 37.02 -19.81
C VAL A 970 15.48 36.78 -18.54
N LEU A 971 16.01 37.24 -17.40
CA LEU A 971 15.37 37.05 -16.09
C LEU A 971 14.09 37.86 -15.92
N LYS A 972 14.05 39.08 -16.45
CA LYS A 972 12.83 39.88 -16.37
C LYS A 972 11.79 39.41 -17.39
N ILE A 973 12.22 38.59 -18.34
CA ILE A 973 11.32 37.93 -19.29
C ILE A 973 10.75 36.64 -18.71
N SER A 974 11.64 35.82 -18.15
CA SER A 974 11.26 34.51 -17.64
C SER A 974 10.46 34.59 -16.33
N LEU A 975 11.03 35.22 -15.30
CA LEU A 975 10.44 35.28 -13.95
C LEU A 975 8.92 35.53 -13.85
N PRO A 976 8.36 36.47 -14.65
CA PRO A 976 6.91 36.71 -14.58
C PRO A 976 6.02 35.48 -14.75
N VAL A 977 6.56 34.39 -15.29
CA VAL A 977 5.82 33.14 -15.42
C VAL A 977 5.45 32.60 -14.04
N ILE A 978 6.32 32.82 -13.06
CA ILE A 978 6.05 32.46 -11.66
C ILE A 978 4.90 33.33 -11.16
N GLY A 979 4.97 34.62 -11.45
CA GLY A 979 3.92 35.57 -11.07
C GLY A 979 2.58 35.27 -11.71
N LEU A 980 2.62 34.83 -12.96
CA LEU A 980 1.41 34.52 -13.71
C LEU A 980 0.64 33.37 -13.07
N ASP A 981 1.36 32.34 -12.66
CA ASP A 981 0.76 31.18 -12.02
C ASP A 981 0.22 31.54 -10.63
N GLU A 982 0.90 32.46 -9.94
CA GLU A 982 0.46 32.94 -8.65
C GLU A 982 -0.87 33.66 -8.73
N ILE A 983 -1.12 34.33 -9.86
CA ILE A 983 -2.41 34.94 -10.14
C ILE A 983 -3.45 33.84 -10.37
N LEU A 984 -3.06 32.81 -11.10
CA LEU A 984 -3.92 31.65 -11.36
C LEU A 984 -4.16 30.81 -10.09
N LYS A 985 -3.13 30.69 -9.24
CA LYS A 985 -3.24 29.97 -7.98
C LYS A 985 -4.11 30.72 -6.97
N PHE A 986 -4.02 32.05 -6.97
CA PHE A 986 -4.85 32.87 -6.08
C PHE A 986 -6.32 32.77 -6.48
N ILE A 987 -6.59 32.80 -7.79
CA ILE A 987 -7.92 32.53 -8.33
C ILE A 987 -8.37 31.16 -7.84
N ALA A 988 -7.48 30.17 -7.97
CA ALA A 988 -7.78 28.79 -7.62
C ALA A 988 -8.08 28.57 -6.14
N ARG A 989 -7.19 29.04 -5.27
CA ARG A 989 -7.35 28.89 -3.81
C ARG A 989 -8.54 29.68 -3.28
N ASN A 990 -8.77 30.86 -3.87
CA ASN A 990 -9.85 31.74 -3.45
C ASN A 990 -11.11 31.54 -4.30
N TYR A 991 -11.38 30.28 -4.62
CA TYR A 991 -12.55 29.89 -5.40
C TYR A 991 -13.22 28.65 -4.77
N LEU A 992 -12.40 27.74 -4.26
CA LEU A 992 -12.86 26.47 -3.68
C LEU A 992 -13.63 26.69 -2.38
N PRO B 21 18.20 9.90 4.84
CA PRO B 21 19.17 8.98 4.27
C PRO B 21 18.55 7.72 3.66
N GLN B 22 17.29 7.81 3.24
CA GLN B 22 16.63 6.72 2.50
C GLN B 22 16.18 7.17 1.11
N GLN B 23 15.14 8.00 1.05
CA GLN B 23 14.66 8.58 -0.21
C GLN B 23 15.62 9.67 -0.67
N ALA B 24 16.22 10.36 0.31
CA ALA B 24 17.21 11.39 0.05
C ALA B 24 18.50 10.80 -0.51
N ARG B 25 18.75 9.53 -0.22
CA ARG B 25 19.91 8.81 -0.75
C ARG B 25 19.67 8.35 -2.19
N GLN B 26 18.45 7.87 -2.45
CA GLN B 26 18.04 7.46 -3.80
C GLN B 26 17.77 8.69 -4.66
N ASN B 27 18.08 9.86 -4.10
CA ASN B 27 17.86 11.14 -4.76
C ASN B 27 19.11 11.63 -5.49
N LEU B 28 20.23 11.68 -4.77
CA LEU B 28 21.52 12.02 -5.35
C LEU B 28 21.90 11.00 -6.43
N GLN B 29 21.74 9.72 -6.10
CA GLN B 29 22.01 8.64 -7.05
C GLN B 29 21.20 8.79 -8.33
N ASN B 30 20.05 9.44 -8.24
CA ASN B 30 19.19 9.68 -9.39
C ASN B 30 19.65 10.88 -10.23
N LEU B 31 19.69 12.05 -9.60
CA LEU B 31 20.07 13.29 -10.27
C LEU B 31 21.50 13.26 -10.80
N PHE B 32 22.43 12.77 -9.96
CA PHE B 32 23.85 12.73 -10.29
C PHE B 32 24.11 11.83 -11.50
N ILE B 33 23.33 10.75 -11.63
CA ILE B 33 23.41 9.86 -12.80
C ILE B 33 22.83 10.55 -14.05
N ASN B 34 21.76 11.30 -13.88
CA ASN B 34 21.19 12.07 -14.98
C ASN B 34 22.06 13.25 -15.41
N PHE B 35 22.79 13.82 -14.46
CA PHE B 35 23.78 14.88 -14.75
C PHE B 35 25.00 14.28 -15.44
N CYS B 36 25.50 13.17 -14.91
CA CYS B 36 26.67 12.48 -15.46
C CYS B 36 26.46 12.04 -16.91
N LEU B 37 25.23 11.65 -17.24
CA LEU B 37 24.91 11.18 -18.58
C LEU B 37 24.83 12.32 -19.59
N ILE B 38 24.35 13.48 -19.15
CA ILE B 38 24.32 14.67 -20.02
C ILE B 38 25.73 15.27 -20.16
N LEU B 39 26.53 15.17 -19.10
CA LEU B 39 27.93 15.62 -19.12
C LEU B 39 28.74 14.90 -20.19
N ILE B 40 28.59 13.58 -20.25
CA ILE B 40 29.26 12.76 -21.25
C ILE B 40 28.74 13.07 -22.65
N CYS B 41 27.44 13.31 -22.77
CA CYS B 41 26.81 13.65 -24.05
C CYS B 41 27.49 14.86 -24.69
N LEU B 42 27.80 15.87 -23.88
CA LEU B 42 28.53 17.06 -24.33
C LEU B 42 29.97 16.72 -24.67
N LEU B 43 30.63 15.99 -23.79
CA LEU B 43 32.01 15.56 -23.99
C LEU B 43 32.14 14.41 -25.00
N LEU B 44 31.17 14.34 -25.91
CA LEU B 44 31.27 13.51 -27.10
C LEU B 44 31.09 14.40 -28.32
N ILE B 45 30.41 15.53 -28.12
CA ILE B 45 30.35 16.61 -29.10
C ILE B 45 31.61 17.46 -28.96
N CYS B 46 32.11 17.55 -27.73
CA CYS B 46 33.36 18.25 -27.41
C CYS B 46 34.57 17.43 -27.85
N ILE B 47 34.44 16.10 -27.82
CA ILE B 47 35.49 15.20 -28.33
C ILE B 47 35.50 15.20 -29.86
N ILE B 48 34.32 15.03 -30.48
CA ILE B 48 34.23 15.07 -31.94
C ILE B 48 34.44 16.52 -32.42
N VAL B 49 35.73 16.86 -32.53
CA VAL B 49 36.20 18.20 -32.92
C VAL B 49 37.50 18.00 -33.70
N MET B 50 37.59 18.61 -34.86
CA MET B 50 38.76 18.47 -35.74
C MET B 50 39.10 19.77 -36.46
N UNK C 1 29.08 4.69 -14.04
CA UNK C 1 28.59 6.07 -14.34
C UNK C 1 29.67 7.12 -14.10
N UNK C 2 30.37 7.00 -12.97
CA UNK C 2 31.48 7.88 -12.64
C UNK C 2 32.74 7.47 -13.39
N UNK C 3 32.87 6.16 -13.65
CA UNK C 3 34.00 5.62 -14.40
C UNK C 3 33.84 5.84 -15.91
N UNK C 4 32.71 6.43 -16.30
CA UNK C 4 32.44 6.79 -17.69
C UNK C 4 32.46 8.32 -17.89
N UNK C 5 32.30 9.05 -16.79
CA UNK C 5 32.33 10.52 -16.82
C UNK C 5 33.74 11.08 -16.71
N UNK C 6 34.62 10.33 -16.04
CA UNK C 6 36.03 10.68 -15.91
C UNK C 6 36.85 10.16 -17.09
N UNK C 7 36.41 9.03 -17.66
CA UNK C 7 37.09 8.42 -18.80
C UNK C 7 36.80 9.14 -20.12
N UNK C 8 35.61 9.73 -20.21
CA UNK C 8 35.22 10.54 -21.38
C UNK C 8 35.66 11.99 -21.21
N UNK C 9 36.16 12.32 -20.02
CA UNK C 9 36.72 13.64 -19.74
C UNK C 9 38.25 13.63 -19.89
N UNK C 10 38.88 12.54 -19.45
CA UNK C 10 40.34 12.38 -19.53
C UNK C 10 40.81 12.17 -20.97
N UNK C 11 40.07 11.37 -21.73
CA UNK C 11 40.34 11.16 -23.15
C UNK C 11 39.94 12.39 -23.97
N UNK C 12 39.20 13.30 -23.35
CA UNK C 12 38.82 14.58 -23.96
C UNK C 12 39.87 15.65 -23.70
N UNK C 13 40.38 15.68 -22.46
CA UNK C 13 41.40 16.64 -22.06
C UNK C 13 42.74 16.36 -22.74
N UNK C 14 43.04 15.07 -22.94
CA UNK C 14 44.25 14.64 -23.65
C UNK C 14 44.17 14.93 -25.15
N UNK C 15 42.95 14.99 -25.68
CA UNK C 15 42.71 15.26 -27.10
C UNK C 15 42.74 16.75 -27.44
N UNK C 16 42.62 17.59 -26.41
CA UNK C 16 42.65 19.04 -26.58
C UNK C 16 43.92 19.64 -26.00
K K D . -11.23 -6.05 -3.99
#